data_4JAE
#
_entry.id   4JAE
#
_cell.length_a   164.490
_cell.length_b   164.490
_cell.length_c   157.620
_cell.angle_alpha   90.00
_cell.angle_beta   90.00
_cell.angle_gamma   120.00
#
_symmetry.space_group_name_H-M   'H 3'
#
loop_
_entity.id
_entity.type
_entity.pdbx_description
1 polymer 'Citrate synthase'
2 non-polymer 'SULFATE ION'
3 non-polymer 'CARBOXYMETHYL COENZYME *A'
4 water water
#
_entity_poly.entity_id   1
_entity_poly.type   'polypeptide(L)'
_entity_poly.pdbx_seq_one_letter_code
;ADTKAKLTLDGDTAVELDVLKGTLGQDVIDIRTLGSKGVFTFDPGFTSTTSCESKITFIDGDEGILLHRGFPIDQLATDS
NYLEVCYILLNGEKPTQEQYDEFKTTVTRHTMIHEQITRLFHAFRRDSHPMAVMCGITGALAAFYHDSLDVNNPRHREIA
AFRLLSKMPTMAAMCYKYSIGQPFVYPRNDLSYAGNFLNMMFSTPCEPYEVNPILERAMDRILILHADHEQNASTSTVRT
AGSSGANPFACIAAGIASLWGPAHGGANEAALKMLEEIGKKENIPEFVRRAKDKNDSFRLMGFGHRVYKNYDPRATVMRE
TCHEVLKELGTKDDLLEVAMELENIALNDPYFIEKKLYPNVDFYSGIILKAMGIPSSMFTVIFAMARTVGWIAHWSEMHS
DGMKIARPRQLYTGYEKRDFKSDIKR
;
_entity_poly.pdbx_strand_id   A,B
#
# COMPACT_ATOMS: atom_id res chain seq x y z
N ALA A 1 -35.97 8.38 0.58
CA ALA A 1 -36.17 7.76 -0.76
C ALA A 1 -36.98 8.70 -1.67
N ASP A 2 -36.88 10.00 -1.42
CA ASP A 2 -37.61 11.00 -2.19
C ASP A 2 -36.90 11.50 -3.44
N THR A 3 -36.18 12.62 -3.32
CA THR A 3 -35.47 13.22 -4.46
C THR A 3 -34.33 12.33 -5.01
N LYS A 4 -34.46 11.02 -4.80
CA LYS A 4 -33.47 10.06 -5.28
C LYS A 4 -33.73 9.79 -6.76
N ALA A 5 -34.68 10.55 -7.32
CA ALA A 5 -35.06 10.41 -8.73
C ALA A 5 -33.87 10.64 -9.65
N LYS A 6 -33.38 11.87 -9.66
CA LYS A 6 -32.25 12.23 -10.51
C LYS A 6 -31.83 13.66 -10.23
N LEU A 7 -30.88 14.15 -11.01
CA LEU A 7 -30.37 15.51 -10.86
C LEU A 7 -29.73 15.99 -12.17
N THR A 8 -29.12 17.16 -12.13
CA THR A 8 -28.48 17.73 -13.31
C THR A 8 -27.44 18.76 -12.93
N LEU A 9 -26.41 18.88 -13.76
CA LEU A 9 -25.33 19.82 -13.54
C LEU A 9 -25.02 20.52 -14.86
N ASP A 10 -24.51 21.74 -14.80
CA ASP A 10 -24.19 22.46 -16.04
C ASP A 10 -23.51 23.83 -15.89
N GLY A 11 -22.36 23.96 -16.55
CA GLY A 11 -21.63 25.21 -16.54
C GLY A 11 -21.78 25.84 -17.92
N ASP A 12 -21.87 24.95 -18.91
CA ASP A 12 -22.04 25.33 -20.32
C ASP A 12 -23.00 24.38 -21.02
N THR A 13 -23.19 23.20 -20.43
CA THR A 13 -24.08 22.17 -20.97
C THR A 13 -24.59 21.29 -19.82
N ALA A 14 -25.82 20.82 -19.94
CA ALA A 14 -26.44 19.99 -18.90
C ALA A 14 -26.24 18.49 -19.09
N VAL A 15 -26.14 17.79 -17.97
CA VAL A 15 -25.95 16.34 -17.94
C VAL A 15 -26.90 15.72 -16.92
N GLU A 16 -27.69 14.75 -17.37
CA GLU A 16 -28.66 14.09 -16.49
C GLU A 16 -27.92 13.03 -15.64
N LEU A 17 -27.97 13.22 -14.31
CA LEU A 17 -27.32 12.31 -13.37
C LEU A 17 -28.31 11.74 -12.34
N ASP A 18 -28.12 10.49 -11.96
CA ASP A 18 -29.03 9.85 -11.00
C ASP A 18 -28.61 10.02 -9.55
N VAL A 19 -29.55 9.73 -8.64
CA VAL A 19 -29.30 9.80 -7.21
C VAL A 19 -29.53 8.43 -6.60
N LEU A 20 -28.43 7.74 -6.30
CA LEU A 20 -28.46 6.40 -5.72
C LEU A 20 -28.74 6.43 -4.22
N LYS A 21 -29.18 5.29 -3.72
CA LYS A 21 -29.51 5.13 -2.30
C LYS A 21 -28.97 3.82 -1.75
N GLY A 22 -28.72 3.79 -0.44
CA GLY A 22 -28.21 2.57 0.16
C GLY A 22 -29.25 1.90 1.04
N THR A 23 -28.94 0.71 1.54
CA THR A 23 -29.85 0.01 2.44
C THR A 23 -29.77 0.71 3.79
N LEU A 24 -28.80 1.61 3.90
CA LEU A 24 -28.55 2.42 5.09
C LEU A 24 -27.59 3.50 4.65
N GLY A 25 -27.57 4.64 5.33
CA GLY A 25 -26.66 5.71 4.96
C GLY A 25 -27.27 6.87 4.20
N GLN A 26 -26.42 7.70 3.61
CA GLN A 26 -26.86 8.86 2.85
C GLN A 26 -27.11 8.59 1.37
N ASP A 27 -27.41 9.67 0.63
CA ASP A 27 -27.69 9.61 -0.81
C ASP A 27 -26.51 10.05 -1.68
N VAL A 28 -26.13 9.20 -2.63
CA VAL A 28 -25.02 9.51 -3.52
C VAL A 28 -25.51 9.83 -4.93
N ILE A 29 -24.68 10.56 -5.65
CA ILE A 29 -24.99 10.99 -7.01
C ILE A 29 -24.02 10.34 -8.00
N ASP A 30 -24.49 9.35 -8.75
CA ASP A 30 -23.67 8.65 -9.71
C ASP A 30 -23.05 9.55 -10.78
N ILE A 31 -21.85 10.07 -10.52
CA ILE A 31 -21.20 10.91 -11.51
C ILE A 31 -20.40 10.02 -12.45
N ARG A 32 -20.64 8.71 -12.35
CA ARG A 32 -19.92 7.73 -13.17
C ARG A 32 -19.95 8.03 -14.66
N THR A 33 -20.79 8.98 -15.08
CA THR A 33 -20.90 9.33 -16.49
C THR A 33 -20.18 10.63 -16.90
N LEU A 34 -19.94 11.52 -15.94
CA LEU A 34 -19.28 12.80 -16.23
C LEU A 34 -17.86 12.73 -16.75
N GLY A 35 -17.16 11.65 -16.45
CA GLY A 35 -15.79 11.51 -16.92
C GLY A 35 -15.70 11.71 -18.42
N SER A 36 -16.64 11.09 -19.14
CA SER A 36 -16.71 11.19 -20.60
C SER A 36 -17.09 12.61 -21.02
N LYS A 37 -18.19 13.12 -20.46
CA LYS A 37 -18.67 14.46 -20.77
C LYS A 37 -17.57 15.50 -20.58
N GLY A 38 -16.35 15.05 -20.27
CA GLY A 38 -15.26 15.99 -20.09
C GLY A 38 -15.39 16.79 -18.81
N VAL A 39 -16.12 16.23 -17.86
CA VAL A 39 -16.34 16.88 -16.57
C VAL A 39 -15.64 16.07 -15.48
N PHE A 40 -14.92 16.79 -14.62
CA PHE A 40 -14.21 16.14 -13.53
C PHE A 40 -14.42 16.91 -12.22
N THR A 41 -14.63 16.17 -11.14
CA THR A 41 -14.83 16.75 -9.83
C THR A 41 -13.46 16.76 -9.14
N PHE A 42 -13.24 17.75 -8.28
CA PHE A 42 -12.00 17.88 -7.54
C PHE A 42 -12.34 17.62 -6.08
N ASP A 43 -11.72 16.61 -5.48
CA ASP A 43 -12.03 16.25 -4.10
C ASP A 43 -10.91 15.53 -3.37
N PRO A 44 -9.89 16.26 -2.90
CA PRO A 44 -8.77 15.64 -2.18
C PRO A 44 -9.25 14.93 -0.93
N GLY A 45 -8.85 13.67 -0.78
CA GLY A 45 -9.24 12.89 0.38
C GLY A 45 -10.51 12.09 0.20
N PHE A 46 -11.14 12.22 -0.97
CA PHE A 46 -12.37 11.50 -1.22
C PHE A 46 -13.33 12.01 -0.15
N THR A 47 -13.16 13.31 0.11
CA THR A 47 -13.89 14.14 1.07
C THR A 47 -15.41 14.29 0.82
N SER A 48 -15.83 13.97 -0.41
CA SER A 48 -17.24 14.06 -0.79
C SER A 48 -17.42 13.07 -1.93
N THR A 49 -16.62 12.00 -1.88
CA THR A 49 -16.62 10.98 -2.90
C THR A 49 -16.75 9.57 -2.32
N THR A 50 -17.62 8.78 -2.92
CA THR A 50 -17.86 7.39 -2.51
C THR A 50 -17.03 6.52 -3.45
N SER A 51 -15.98 5.91 -2.92
CA SER A 51 -15.05 5.07 -3.70
C SER A 51 -15.58 3.70 -4.10
N CYS A 52 -16.66 3.24 -3.47
CA CYS A 52 -17.15 1.92 -3.80
C CYS A 52 -18.49 1.62 -3.19
N GLU A 53 -18.92 0.39 -3.40
CA GLU A 53 -20.17 -0.11 -2.88
C GLU A 53 -19.80 -1.32 -2.02
N SER A 54 -20.16 -1.29 -0.73
CA SER A 54 -19.82 -2.38 0.17
C SER A 54 -21.03 -2.93 0.91
N LYS A 55 -21.06 -4.24 1.08
CA LYS A 55 -22.15 -4.88 1.80
C LYS A 55 -21.58 -5.46 3.09
N ILE A 56 -20.36 -5.03 3.43
CA ILE A 56 -19.67 -5.58 4.60
C ILE A 56 -19.99 -5.01 5.98
N THR A 57 -19.65 -3.75 6.21
CA THR A 57 -19.85 -3.12 7.51
C THR A 57 -20.50 -1.76 7.41
N PHE A 58 -21.45 -1.51 8.30
CA PHE A 58 -22.12 -0.21 8.31
C PHE A 58 -21.87 0.54 9.58
N ILE A 59 -21.51 1.80 9.44
CA ILE A 59 -21.23 2.68 10.56
C ILE A 59 -22.10 3.92 10.44
N ASP A 60 -22.57 4.41 11.58
CA ASP A 60 -23.33 5.65 11.60
C ASP A 60 -22.64 6.47 12.69
N GLY A 61 -21.43 6.92 12.37
CA GLY A 61 -20.60 7.69 13.27
C GLY A 61 -21.31 8.60 14.24
N ASP A 62 -22.30 9.35 13.75
CA ASP A 62 -23.00 10.27 14.63
C ASP A 62 -24.04 9.67 15.55
N GLU A 63 -24.39 8.40 15.35
CA GLU A 63 -25.37 7.74 16.21
C GLU A 63 -24.82 6.43 16.80
N GLY A 64 -23.50 6.28 16.73
CA GLY A 64 -22.81 5.11 17.27
C GLY A 64 -23.33 3.75 16.84
N ILE A 65 -23.51 3.56 15.53
CA ILE A 65 -23.99 2.28 15.01
C ILE A 65 -22.84 1.52 14.33
N LEU A 66 -22.70 0.23 14.64
CA LEU A 66 -21.67 -0.59 14.04
C LEU A 66 -22.24 -1.97 13.73
N LEU A 67 -22.47 -2.23 12.44
CA LEU A 67 -23.01 -3.49 12.01
C LEU A 67 -22.02 -4.25 11.10
N HIS A 68 -21.86 -5.54 11.37
CA HIS A 68 -21.02 -6.38 10.53
C HIS A 68 -22.01 -7.33 9.88
N ARG A 69 -22.35 -7.07 8.62
CA ARG A 69 -23.33 -7.88 7.90
C ARG A 69 -24.68 -7.69 8.57
N GLY A 70 -24.91 -6.49 9.10
CA GLY A 70 -26.17 -6.20 9.75
C GLY A 70 -26.15 -6.46 11.24
N PHE A 71 -25.32 -7.40 11.69
CA PHE A 71 -25.23 -7.74 13.11
C PHE A 71 -24.49 -6.66 13.90
N PRO A 72 -25.13 -6.13 14.94
CA PRO A 72 -24.46 -5.08 15.74
C PRO A 72 -23.18 -5.68 16.30
N ILE A 73 -22.20 -4.84 16.61
CA ILE A 73 -20.94 -5.35 17.15
C ILE A 73 -21.16 -5.92 18.55
N ASP A 74 -21.73 -5.10 19.42
CA ASP A 74 -22.02 -5.48 20.80
C ASP A 74 -22.51 -6.93 20.93
N GLN A 75 -23.55 -7.29 20.18
CA GLN A 75 -24.09 -8.64 20.25
C GLN A 75 -23.02 -9.62 19.86
N LEU A 76 -22.39 -9.38 18.71
CA LEU A 76 -21.32 -10.23 18.22
C LEU A 76 -20.23 -10.46 19.26
N ALA A 77 -19.84 -9.40 19.96
CA ALA A 77 -18.79 -9.49 20.95
C ALA A 77 -19.15 -10.39 22.13
N THR A 78 -20.38 -10.23 22.64
CA THR A 78 -20.84 -11.01 23.78
C THR A 78 -21.38 -12.36 23.40
N ASP A 79 -21.95 -12.45 22.20
CA ASP A 79 -22.57 -13.68 21.74
C ASP A 79 -21.85 -14.49 20.68
N SER A 80 -20.57 -14.21 20.45
CA SER A 80 -19.86 -14.95 19.43
C SER A 80 -18.39 -15.05 19.78
N ASN A 81 -17.68 -15.87 19.02
CA ASN A 81 -16.24 -16.04 19.20
C ASN A 81 -15.64 -15.42 17.95
N TYR A 82 -14.33 -15.14 17.99
CA TYR A 82 -13.68 -14.50 16.86
C TYR A 82 -13.94 -15.19 15.52
N LEU A 83 -13.61 -16.46 15.41
CA LEU A 83 -13.80 -17.19 14.15
C LEU A 83 -15.20 -17.09 13.59
N GLU A 84 -16.20 -17.27 14.42
CA GLU A 84 -17.56 -17.19 13.93
C GLU A 84 -17.74 -15.85 13.24
N VAL A 85 -17.09 -14.82 13.79
CA VAL A 85 -17.18 -13.50 13.22
C VAL A 85 -16.42 -13.38 11.89
N CYS A 86 -15.27 -14.06 11.79
CA CYS A 86 -14.50 -14.05 10.55
C CYS A 86 -15.38 -14.60 9.44
N TYR A 87 -16.03 -15.71 9.72
CA TYR A 87 -16.92 -16.35 8.77
C TYR A 87 -18.02 -15.40 8.32
N ILE A 88 -18.74 -14.85 9.29
CA ILE A 88 -19.82 -13.90 9.01
C ILE A 88 -19.26 -12.75 8.20
N LEU A 89 -18.11 -12.26 8.65
CA LEU A 89 -17.46 -11.14 8.00
C LEU A 89 -16.97 -11.56 6.60
N LEU A 90 -16.55 -12.82 6.45
CA LEU A 90 -16.06 -13.31 5.16
C LEU A 90 -17.10 -13.92 4.23
N ASN A 91 -18.11 -14.58 4.81
CA ASN A 91 -19.15 -15.23 4.00
C ASN A 91 -20.43 -14.44 3.80
N GLY A 92 -20.83 -13.66 4.80
CA GLY A 92 -22.04 -12.86 4.66
C GLY A 92 -23.24 -13.34 5.47
N GLU A 93 -23.05 -14.43 6.20
CA GLU A 93 -24.14 -14.96 7.01
C GLU A 93 -23.62 -15.79 8.18
N LYS A 94 -24.49 -15.96 9.18
CA LYS A 94 -24.12 -16.74 10.34
C LYS A 94 -23.81 -18.16 9.88
N PRO A 95 -22.74 -18.75 10.41
CA PRO A 95 -22.40 -20.11 10.00
C PRO A 95 -23.32 -21.15 10.64
N THR A 96 -23.65 -22.19 9.88
CA THR A 96 -24.47 -23.26 10.42
C THR A 96 -23.50 -23.96 11.34
N GLN A 97 -23.71 -25.25 11.59
CA GLN A 97 -22.77 -25.97 12.45
C GLN A 97 -21.77 -26.68 11.54
N GLU A 98 -22.27 -27.46 10.60
CA GLU A 98 -21.41 -28.18 9.69
C GLU A 98 -20.53 -27.25 8.86
N GLN A 99 -21.06 -26.07 8.54
CA GLN A 99 -20.32 -25.08 7.75
C GLN A 99 -19.20 -24.43 8.56
N TYR A 100 -19.46 -24.22 9.84
CA TYR A 100 -18.52 -23.63 10.75
C TYR A 100 -17.34 -24.56 10.96
N ASP A 101 -17.65 -25.85 11.12
CA ASP A 101 -16.61 -26.85 11.31
C ASP A 101 -15.65 -26.83 10.14
N GLU A 102 -16.22 -26.79 8.94
CA GLU A 102 -15.44 -26.75 7.70
C GLU A 102 -14.48 -25.57 7.76
N PHE A 103 -15.05 -24.40 8.05
CA PHE A 103 -14.30 -23.16 8.15
C PHE A 103 -13.20 -23.27 9.20
N LYS A 104 -13.59 -23.61 10.42
CA LYS A 104 -12.64 -23.73 11.52
C LYS A 104 -11.57 -24.79 11.28
N THR A 105 -11.99 -26.01 11.02
CA THR A 105 -11.03 -27.10 10.81
C THR A 105 -9.96 -26.72 9.80
N THR A 106 -10.35 -25.96 8.78
CA THR A 106 -9.41 -25.51 7.75
C THR A 106 -8.38 -24.55 8.36
N VAL A 107 -8.88 -23.47 8.94
CA VAL A 107 -8.04 -22.49 9.59
C VAL A 107 -6.99 -23.16 10.48
N THR A 108 -7.42 -24.19 11.21
CA THR A 108 -6.56 -24.94 12.10
C THR A 108 -5.56 -25.77 11.32
N ARG A 109 -5.97 -26.22 10.15
CA ARG A 109 -5.12 -27.04 9.32
C ARG A 109 -3.84 -26.37 8.83
N HIS A 110 -3.87 -25.06 8.63
CA HIS A 110 -2.69 -24.38 8.09
C HIS A 110 -2.16 -23.19 8.90
N THR A 111 -2.02 -23.40 10.20
CA THR A 111 -1.55 -22.37 11.09
C THR A 111 -0.03 -22.20 11.12
N MET A 112 0.69 -23.30 10.95
CA MET A 112 2.14 -23.25 10.97
C MET A 112 2.67 -22.46 9.80
N ILE A 113 3.73 -21.67 10.02
CA ILE A 113 4.35 -20.91 8.93
C ILE A 113 5.61 -21.68 8.47
N HIS A 114 5.93 -21.61 7.18
CA HIS A 114 7.09 -22.32 6.61
C HIS A 114 8.37 -22.07 7.41
N GLU A 115 9.13 -23.13 7.65
CA GLU A 115 10.39 -23.03 8.39
C GLU A 115 11.31 -21.95 7.82
N GLN A 116 11.31 -21.82 6.50
CA GLN A 116 12.17 -20.83 5.85
C GLN A 116 11.76 -19.44 6.28
N ILE A 117 10.46 -19.22 6.30
CA ILE A 117 9.93 -17.93 6.71
C ILE A 117 10.45 -17.64 8.10
N THR A 118 10.39 -18.63 8.98
CA THR A 118 10.88 -18.49 10.34
C THR A 118 12.30 -17.93 10.38
N ARG A 119 13.17 -18.41 9.50
CA ARG A 119 14.55 -17.93 9.48
C ARG A 119 14.60 -16.42 9.27
N LEU A 120 13.51 -15.87 8.73
CA LEU A 120 13.44 -14.42 8.48
C LEU A 120 13.47 -13.62 9.78
N PHE A 121 12.54 -13.90 10.69
CA PHE A 121 12.49 -13.20 11.97
C PHE A 121 13.93 -13.06 12.46
N HIS A 122 14.65 -14.17 12.41
CA HIS A 122 16.03 -14.24 12.87
C HIS A 122 17.04 -13.33 12.18
N ALA A 123 16.61 -12.63 11.13
CA ALA A 123 17.49 -11.72 10.42
C ALA A 123 17.23 -10.26 10.82
N PHE A 124 16.33 -10.04 11.78
CA PHE A 124 16.04 -8.70 12.26
C PHE A 124 16.81 -8.59 13.56
N ARG A 125 16.90 -7.40 14.14
CA ARG A 125 17.59 -7.28 15.41
C ARG A 125 16.49 -7.44 16.47
N ARG A 126 16.80 -8.07 17.61
CA ARG A 126 15.79 -8.28 18.65
C ARG A 126 15.22 -6.94 19.11
N ASP A 127 16.07 -5.93 19.09
CA ASP A 127 15.71 -4.59 19.54
C ASP A 127 14.83 -3.74 18.61
N SER A 128 14.29 -4.33 17.55
CA SER A 128 13.43 -3.58 16.63
C SER A 128 11.96 -3.72 17.05
N HIS A 129 11.16 -2.68 16.76
CA HIS A 129 9.74 -2.69 17.12
C HIS A 129 9.01 -3.89 16.52
N PRO A 130 8.40 -4.75 17.36
CA PRO A 130 7.69 -5.91 16.81
C PRO A 130 6.67 -5.56 15.75
N MET A 131 6.39 -4.28 15.55
CA MET A 131 5.43 -3.89 14.54
C MET A 131 6.06 -3.77 13.15
N ALA A 132 7.34 -3.42 13.12
CA ALA A 132 8.09 -3.29 11.89
C ALA A 132 8.48 -4.67 11.35
N VAL A 133 8.55 -5.63 12.27
CA VAL A 133 8.88 -7.03 11.98
C VAL A 133 7.64 -7.69 11.38
N MET A 134 6.48 -7.18 11.78
CA MET A 134 5.21 -7.70 11.33
C MET A 134 4.97 -7.28 9.88
N CYS A 135 5.21 -6.01 9.58
CA CYS A 135 5.06 -5.46 8.23
C CYS A 135 6.14 -6.05 7.35
N GLY A 136 7.22 -6.49 8.00
CA GLY A 136 8.34 -7.09 7.29
C GLY A 136 8.14 -8.55 6.96
N ILE A 137 7.67 -9.33 7.93
CA ILE A 137 7.46 -10.75 7.69
C ILE A 137 6.30 -10.91 6.73
N THR A 138 5.25 -10.13 6.94
CA THR A 138 4.05 -10.20 6.10
C THR A 138 4.29 -9.70 4.67
N GLY A 139 5.08 -8.63 4.54
CA GLY A 139 5.38 -8.08 3.24
C GLY A 139 6.41 -8.94 2.55
N ALA A 140 6.72 -10.08 3.18
CA ALA A 140 7.71 -11.01 2.64
C ALA A 140 7.16 -12.41 2.40
N LEU A 141 5.92 -12.67 2.77
CA LEU A 141 5.37 -14.00 2.56
C LEU A 141 5.24 -14.33 1.11
N ALA A 142 5.05 -13.31 0.28
CA ALA A 142 4.92 -13.50 -1.15
C ALA A 142 6.04 -14.40 -1.68
N ALA A 143 7.28 -14.13 -1.24
CA ALA A 143 8.43 -14.90 -1.68
C ALA A 143 8.48 -16.35 -1.20
N PHE A 144 7.49 -16.75 -0.41
CA PHE A 144 7.43 -18.11 0.11
C PHE A 144 6.15 -18.79 -0.38
N TYR A 145 5.29 -18.01 -1.02
CA TYR A 145 4.02 -18.51 -1.54
C TYR A 145 3.88 -17.93 -2.95
N HIS A 146 4.91 -18.18 -3.78
CA HIS A 146 4.99 -17.71 -5.17
C HIS A 146 3.74 -17.96 -6.01
N ASP A 147 3.31 -19.21 -6.02
CA ASP A 147 2.13 -19.68 -6.76
C ASP A 147 0.90 -18.73 -6.77
N SER A 148 0.13 -18.78 -5.69
CA SER A 148 -1.08 -17.98 -5.52
C SER A 148 -0.82 -16.48 -5.22
N LEU A 149 -0.36 -15.75 -6.24
CA LEU A 149 -0.10 -14.32 -6.11
C LEU A 149 -0.93 -13.59 -7.19
N ASP A 150 -1.73 -14.39 -7.90
CA ASP A 150 -2.60 -13.90 -8.98
C ASP A 150 -4.02 -13.59 -8.51
N VAL A 151 -4.24 -12.31 -8.24
CA VAL A 151 -5.52 -11.79 -7.77
C VAL A 151 -6.76 -12.20 -8.58
N ASN A 152 -6.59 -12.44 -9.87
CA ASN A 152 -7.69 -12.81 -10.74
C ASN A 152 -8.38 -14.12 -10.36
N ASN A 153 -7.63 -15.22 -10.39
CA ASN A 153 -8.16 -16.53 -10.04
C ASN A 153 -9.01 -16.47 -8.76
N PRO A 154 -10.25 -17.00 -8.82
CA PRO A 154 -11.19 -17.03 -7.69
C PRO A 154 -10.77 -17.95 -6.54
N ARG A 155 -10.07 -19.02 -6.85
CA ARG A 155 -9.59 -19.95 -5.82
C ARG A 155 -8.29 -19.42 -5.24
N HIS A 156 -7.56 -18.64 -6.05
CA HIS A 156 -6.32 -18.05 -5.56
C HIS A 156 -6.69 -17.24 -4.33
N ARG A 157 -7.70 -16.37 -4.46
CA ARG A 157 -8.16 -15.56 -3.34
C ARG A 157 -8.52 -16.54 -2.24
N GLU A 158 -9.33 -17.52 -2.63
CA GLU A 158 -9.82 -18.57 -1.76
C GLU A 158 -8.73 -19.03 -0.78
N ILE A 159 -7.66 -19.61 -1.31
CA ILE A 159 -6.55 -20.08 -0.50
C ILE A 159 -5.84 -18.95 0.23
N ALA A 160 -5.23 -18.06 -0.56
CA ALA A 160 -4.48 -16.91 -0.06
C ALA A 160 -5.04 -16.34 1.23
N ALA A 161 -6.33 -16.07 1.25
CA ALA A 161 -6.96 -15.54 2.45
C ALA A 161 -6.70 -16.45 3.64
N PHE A 162 -7.23 -17.66 3.57
CA PHE A 162 -7.06 -18.65 4.64
C PHE A 162 -5.66 -18.70 5.19
N ARG A 163 -4.67 -18.52 4.33
CA ARG A 163 -3.29 -18.51 4.76
C ARG A 163 -3.10 -17.37 5.76
N LEU A 164 -3.49 -16.17 5.36
CA LEU A 164 -3.38 -14.99 6.20
C LEU A 164 -4.15 -15.26 7.47
N LEU A 165 -5.45 -15.45 7.29
CA LEU A 165 -6.35 -15.68 8.39
C LEU A 165 -5.82 -16.70 9.39
N SER A 166 -5.21 -17.76 8.86
CA SER A 166 -4.68 -18.82 9.72
C SER A 166 -3.35 -18.52 10.37
N LYS A 167 -2.41 -18.03 9.59
CA LYS A 167 -1.05 -17.77 10.06
C LYS A 167 -0.73 -16.45 10.71
N MET A 168 -1.58 -15.45 10.56
CA MET A 168 -1.31 -14.14 11.15
C MET A 168 -1.04 -14.18 12.65
N PRO A 169 -1.86 -14.92 13.41
CA PRO A 169 -1.65 -14.99 14.88
C PRO A 169 -0.35 -15.70 15.22
N THR A 170 -0.05 -16.77 14.50
CA THR A 170 1.18 -17.52 14.72
C THR A 170 2.36 -16.57 14.58
N MET A 171 2.31 -15.77 13.51
CA MET A 171 3.32 -14.80 13.19
C MET A 171 3.37 -13.70 14.24
N ALA A 172 2.17 -13.32 14.70
CA ALA A 172 2.00 -12.28 15.71
C ALA A 172 2.66 -12.72 17.00
N ALA A 173 2.33 -13.93 17.45
CA ALA A 173 2.93 -14.44 18.68
C ALA A 173 4.44 -14.38 18.53
N MET A 174 4.96 -15.08 17.52
CA MET A 174 6.41 -15.15 17.27
C MET A 174 7.15 -13.84 17.42
N CYS A 175 6.60 -12.75 16.90
CA CYS A 175 7.26 -11.46 17.03
C CYS A 175 7.54 -11.10 18.48
N TYR A 176 6.58 -11.40 19.36
CA TYR A 176 6.74 -11.12 20.79
C TYR A 176 7.81 -12.03 21.39
N LYS A 177 7.80 -13.30 20.99
CA LYS A 177 8.78 -14.26 21.48
C LYS A 177 10.19 -13.88 21.01
N TYR A 178 10.29 -13.25 19.86
CA TYR A 178 11.58 -12.85 19.33
C TYR A 178 12.03 -11.59 20.05
N SER A 179 11.09 -10.70 20.27
CA SER A 179 11.35 -9.43 20.95
C SER A 179 11.89 -9.64 22.36
N ILE A 180 11.30 -10.56 23.12
CA ILE A 180 11.75 -10.80 24.48
C ILE A 180 12.81 -11.87 24.61
N GLY A 181 13.21 -12.48 23.50
CA GLY A 181 14.24 -13.50 23.58
C GLY A 181 13.83 -14.93 23.90
N GLN A 182 12.54 -15.21 23.97
CA GLN A 182 12.11 -16.56 24.26
C GLN A 182 11.91 -17.37 22.99
N PRO A 183 11.95 -18.70 23.10
CA PRO A 183 11.76 -19.57 21.92
C PRO A 183 10.41 -19.47 21.30
N PHE A 184 10.31 -19.89 20.05
CA PHE A 184 9.04 -19.86 19.32
C PHE A 184 8.09 -20.97 19.80
N VAL A 185 6.78 -20.70 19.74
CA VAL A 185 5.79 -21.68 20.15
C VAL A 185 4.82 -22.07 19.03
N TYR A 186 4.89 -23.33 18.62
CA TYR A 186 4.03 -23.85 17.56
C TYR A 186 2.56 -23.88 17.94
N PRO A 187 1.67 -23.68 16.95
CA PRO A 187 0.23 -23.69 17.22
C PRO A 187 -0.19 -25.06 17.74
N ARG A 188 -1.24 -25.07 18.58
CA ARG A 188 -1.79 -26.30 19.15
C ARG A 188 -3.22 -26.49 18.65
N ASN A 189 -3.44 -27.61 17.96
CA ASN A 189 -4.73 -27.89 17.37
C ASN A 189 -5.90 -28.13 18.30
N ASP A 190 -5.64 -28.27 19.60
CA ASP A 190 -6.73 -28.49 20.53
C ASP A 190 -7.28 -27.19 21.08
N LEU A 191 -6.39 -26.28 21.44
CA LEU A 191 -6.79 -24.99 21.98
C LEU A 191 -7.71 -24.25 21.00
N SER A 192 -8.34 -23.19 21.49
CA SER A 192 -9.26 -22.39 20.68
C SER A 192 -8.40 -21.41 19.90
N TYR A 193 -9.03 -20.59 19.06
CA TYR A 193 -8.26 -19.60 18.31
C TYR A 193 -7.59 -18.67 19.31
N ALA A 194 -8.40 -18.07 20.16
CA ALA A 194 -7.91 -17.14 21.17
C ALA A 194 -7.00 -17.79 22.21
N GLY A 195 -7.39 -18.94 22.74
CA GLY A 195 -6.56 -19.60 23.71
C GLY A 195 -5.23 -19.92 23.07
N ASN A 196 -5.30 -20.42 21.84
CA ASN A 196 -4.12 -20.78 21.07
C ASN A 196 -3.15 -19.61 20.97
N PHE A 197 -3.70 -18.39 20.98
CA PHE A 197 -2.83 -17.22 20.89
C PHE A 197 -2.09 -17.07 22.21
N LEU A 198 -2.83 -16.79 23.28
CA LEU A 198 -2.24 -16.63 24.59
C LEU A 198 -1.25 -17.76 24.83
N ASN A 199 -1.53 -18.91 24.27
CA ASN A 199 -0.61 -20.03 24.41
C ASN A 199 0.70 -19.66 23.70
N MET A 200 0.64 -19.33 22.41
CA MET A 200 1.84 -18.99 21.65
C MET A 200 2.47 -17.69 22.11
N MET A 201 1.73 -16.93 22.91
CA MET A 201 2.24 -15.67 23.42
C MET A 201 3.06 -15.86 24.69
N PHE A 202 2.57 -16.69 25.60
CA PHE A 202 3.25 -16.82 26.87
C PHE A 202 3.89 -18.12 27.33
N SER A 203 3.46 -19.27 26.81
CA SER A 203 4.06 -20.51 27.28
C SER A 203 5.56 -20.67 26.95
N THR A 204 6.23 -21.49 27.74
CA THR A 204 7.65 -21.79 27.57
C THR A 204 7.74 -23.31 27.59
N PRO A 205 8.92 -23.87 27.28
CA PRO A 205 9.08 -25.33 27.28
C PRO A 205 9.48 -25.78 28.70
N CYS A 206 9.28 -24.88 29.66
CA CYS A 206 9.66 -25.15 31.03
C CYS A 206 8.52 -25.45 31.98
N GLU A 207 7.33 -24.95 31.67
CA GLU A 207 6.19 -25.24 32.54
C GLU A 207 4.89 -25.23 31.73
N PRO A 208 3.98 -26.17 32.03
CA PRO A 208 2.70 -26.29 31.34
C PRO A 208 1.81 -25.07 31.59
N TYR A 209 1.74 -24.20 30.59
CA TYR A 209 0.94 -22.99 30.67
C TYR A 209 -0.53 -23.33 30.52
N GLU A 210 -1.32 -22.83 31.46
CA GLU A 210 -2.75 -23.07 31.45
C GLU A 210 -3.43 -21.76 31.12
N VAL A 211 -4.37 -21.81 30.19
CA VAL A 211 -5.06 -20.60 29.79
C VAL A 211 -6.24 -20.37 30.71
N ASN A 212 -6.37 -19.13 31.18
CA ASN A 212 -7.46 -18.75 32.05
C ASN A 212 -8.61 -18.30 31.17
N PRO A 213 -9.68 -19.10 31.09
CA PRO A 213 -10.88 -18.81 30.29
C PRO A 213 -11.29 -17.36 30.36
N ILE A 214 -11.06 -16.74 31.50
CA ILE A 214 -11.41 -15.34 31.68
C ILE A 214 -10.52 -14.51 30.78
N LEU A 215 -9.22 -14.67 30.95
CA LEU A 215 -8.27 -13.93 30.13
C LEU A 215 -8.46 -14.24 28.63
N GLU A 216 -8.90 -15.46 28.34
CA GLU A 216 -9.14 -15.83 26.96
C GLU A 216 -10.34 -15.10 26.35
N ARG A 217 -11.50 -15.20 27.01
CA ARG A 217 -12.70 -14.52 26.53
C ARG A 217 -12.36 -13.06 26.25
N ALA A 218 -11.55 -12.47 27.10
CA ALA A 218 -11.15 -11.07 26.92
C ALA A 218 -10.42 -10.90 25.56
N MET A 219 -9.40 -11.73 25.32
CA MET A 219 -8.68 -11.67 24.05
C MET A 219 -9.70 -11.92 22.92
N ASP A 220 -10.49 -12.98 23.08
CA ASP A 220 -11.52 -13.35 22.12
C ASP A 220 -12.26 -12.07 21.76
N ARG A 221 -12.75 -11.39 22.78
CA ARG A 221 -13.45 -10.15 22.55
C ARG A 221 -12.54 -9.06 22.01
N ILE A 222 -11.36 -8.90 22.60
CA ILE A 222 -10.46 -7.87 22.10
C ILE A 222 -10.37 -8.04 20.61
N LEU A 223 -10.29 -9.31 20.20
CA LEU A 223 -10.18 -9.65 18.79
C LEU A 223 -11.40 -9.27 17.96
N ILE A 224 -12.58 -9.75 18.37
CA ILE A 224 -13.82 -9.48 17.65
C ILE A 224 -14.04 -7.98 17.44
N LEU A 225 -13.87 -7.21 18.51
CA LEU A 225 -14.06 -5.78 18.42
C LEU A 225 -13.07 -5.14 17.47
N HIS A 226 -12.13 -5.93 16.96
CA HIS A 226 -11.15 -5.42 16.02
C HIS A 226 -11.17 -6.08 14.65
N ALA A 227 -11.97 -7.12 14.48
CA ALA A 227 -12.09 -7.81 13.20
C ALA A 227 -12.16 -6.86 11.99
N ASP A 228 -13.08 -5.90 12.01
CA ASP A 228 -13.20 -4.95 10.91
C ASP A 228 -13.87 -3.64 11.28
N HIS A 229 -13.53 -2.57 10.57
CA HIS A 229 -14.13 -1.28 10.83
C HIS A 229 -14.49 -0.39 9.63
N GLU A 230 -15.27 -0.91 8.69
CA GLU A 230 -15.69 -0.11 7.54
C GLU A 230 -14.48 0.55 6.87
N GLN A 231 -14.71 1.55 6.03
CA GLN A 231 -13.62 2.24 5.34
C GLN A 231 -12.79 3.19 6.22
N ASN A 232 -11.47 3.08 6.12
CA ASN A 232 -10.54 3.94 6.84
C ASN A 232 -9.17 3.84 6.20
N ALA A 233 -8.24 4.69 6.62
CA ALA A 233 -6.90 4.71 6.06
C ALA A 233 -6.31 3.33 5.73
N SER A 234 -6.14 2.48 6.73
CA SER A 234 -5.57 1.14 6.51
C SER A 234 -6.39 0.29 5.56
N THR A 235 -7.71 0.31 5.69
CA THR A 235 -8.54 -0.48 4.81
C THR A 235 -8.48 0.08 3.39
N SER A 236 -8.55 1.41 3.28
CA SER A 236 -8.49 2.04 1.96
C SER A 236 -7.16 1.73 1.29
N THR A 237 -6.07 1.75 2.04
CA THR A 237 -4.77 1.40 1.46
C THR A 237 -4.86 0.01 0.86
N VAL A 238 -5.32 -0.94 1.67
CA VAL A 238 -5.48 -2.31 1.22
C VAL A 238 -6.26 -2.39 -0.09
N ARG A 239 -7.50 -1.90 -0.10
CA ARG A 239 -8.30 -1.92 -1.32
C ARG A 239 -7.53 -1.34 -2.50
N THR A 240 -7.07 -0.11 -2.36
CA THR A 240 -6.31 0.56 -3.41
C THR A 240 -5.26 -0.37 -4.00
N ALA A 241 -4.27 -0.72 -3.19
CA ALA A 241 -3.18 -1.58 -3.61
C ALA A 241 -3.72 -2.79 -4.37
N GLY A 242 -4.63 -3.52 -3.74
CA GLY A 242 -5.19 -4.71 -4.37
C GLY A 242 -5.71 -4.40 -5.74
N SER A 243 -6.37 -3.26 -5.85
CA SER A 243 -6.94 -2.83 -7.12
C SER A 243 -5.83 -2.54 -8.11
N SER A 244 -4.67 -2.22 -7.57
CA SER A 244 -3.51 -1.91 -8.40
C SER A 244 -2.72 -3.16 -8.69
N GLY A 245 -3.43 -4.25 -8.94
CA GLY A 245 -2.81 -5.52 -9.24
C GLY A 245 -2.25 -6.29 -8.06
N ALA A 246 -1.41 -5.63 -7.26
CA ALA A 246 -0.65 -6.23 -6.15
C ALA A 246 -1.29 -7.40 -5.37
N ASN A 247 -0.42 -8.37 -5.08
CA ASN A 247 -0.80 -9.61 -4.38
C ASN A 247 -1.31 -9.35 -2.97
N PRO A 248 -2.22 -10.21 -2.48
CA PRO A 248 -2.85 -10.13 -1.16
C PRO A 248 -1.96 -9.98 0.05
N PHE A 249 -0.78 -10.59 0.00
CA PHE A 249 0.16 -10.54 1.10
C PHE A 249 0.75 -9.15 1.21
N ALA A 250 1.07 -8.58 0.06
CA ALA A 250 1.61 -7.23 -0.02
C ALA A 250 0.50 -6.31 0.43
N CYS A 251 -0.71 -6.58 -0.06
CA CYS A 251 -1.88 -5.80 0.30
C CYS A 251 -2.03 -5.77 1.80
N ILE A 252 -1.93 -6.94 2.45
CA ILE A 252 -2.05 -7.01 3.90
C ILE A 252 -0.86 -6.36 4.60
N ALA A 253 0.33 -6.50 4.03
CA ALA A 253 1.52 -5.91 4.63
C ALA A 253 1.48 -4.41 4.51
N ALA A 254 0.74 -3.91 3.52
CA ALA A 254 0.60 -2.47 3.31
C ALA A 254 -0.43 -1.94 4.27
N GLY A 255 -1.47 -2.74 4.50
CA GLY A 255 -2.50 -2.33 5.43
C GLY A 255 -1.89 -2.24 6.82
N ILE A 256 -1.15 -3.28 7.22
CA ILE A 256 -0.51 -3.34 8.54
C ILE A 256 0.38 -2.11 8.86
N ALA A 257 1.05 -1.56 7.85
CA ALA A 257 1.90 -0.41 8.07
C ALA A 257 1.09 0.88 8.15
N SER A 258 -0.15 0.82 7.67
CA SER A 258 -1.08 1.95 7.69
C SER A 258 -1.68 2.09 9.07
N LEU A 259 -1.67 0.99 9.81
CA LEU A 259 -2.22 0.92 11.15
C LEU A 259 -1.09 1.06 12.16
N TRP A 260 -0.04 1.77 11.79
CA TRP A 260 1.11 1.96 12.64
C TRP A 260 1.61 3.41 12.46
N GLY A 261 1.25 4.01 11.32
CA GLY A 261 1.63 5.36 10.97
C GLY A 261 1.37 6.45 12.00
N PRO A 262 0.19 6.42 12.66
CA PRO A 262 -0.12 7.43 13.68
C PRO A 262 0.75 7.26 14.93
N ALA A 263 0.99 6.01 15.31
CA ALA A 263 1.82 5.65 16.46
C ALA A 263 3.17 6.37 16.36
N HIS A 264 3.82 6.25 15.20
CA HIS A 264 5.11 6.90 14.98
C HIS A 264 4.83 8.20 14.21
N GLY A 265 4.86 9.32 14.94
CA GLY A 265 4.62 10.60 14.32
C GLY A 265 5.40 11.72 14.97
N GLY A 266 5.84 11.49 16.22
CA GLY A 266 6.60 12.50 16.93
C GLY A 266 5.84 13.11 18.10
N ALA A 267 4.93 14.02 17.81
CA ALA A 267 4.11 14.67 18.83
C ALA A 267 3.36 13.56 19.56
N ASN A 268 3.01 12.51 18.81
CA ASN A 268 2.34 11.34 19.34
C ASN A 268 3.38 10.56 20.15
N GLU A 269 4.53 10.30 19.51
CA GLU A 269 5.66 9.59 20.11
C GLU A 269 6.01 10.14 21.50
N ALA A 270 6.33 11.43 21.57
CA ALA A 270 6.67 12.09 22.83
C ALA A 270 5.48 12.07 23.80
N ALA A 271 4.30 11.75 23.27
CA ALA A 271 3.09 11.68 24.07
C ALA A 271 2.69 10.23 24.40
N LEU A 272 3.09 9.29 23.55
CA LEU A 272 2.79 7.87 23.75
C LEU A 272 3.46 7.38 25.03
N LYS A 273 4.75 7.65 25.16
CA LYS A 273 5.50 7.27 26.35
C LYS A 273 5.01 8.20 27.44
N MET A 274 4.89 9.48 27.09
CA MET A 274 4.42 10.52 28.01
C MET A 274 3.44 9.91 29.00
N LEU A 275 2.49 9.14 28.46
CA LEU A 275 1.51 8.45 29.27
C LEU A 275 2.24 7.24 29.87
N GLU A 276 2.61 6.30 29.01
CA GLU A 276 3.33 5.09 29.42
C GLU A 276 4.74 5.37 29.94
N GLU A 277 4.87 6.23 30.96
CA GLU A 277 6.19 6.54 31.49
C GLU A 277 6.10 7.12 32.90
N ILE A 278 5.28 8.14 33.03
CA ILE A 278 5.13 8.83 34.30
C ILE A 278 3.73 8.60 34.89
N GLY A 279 3.70 7.81 35.96
CA GLY A 279 2.47 7.49 36.66
C GLY A 279 2.86 7.04 38.05
N LYS A 280 2.93 7.99 38.99
CA LYS A 280 3.33 7.67 40.35
C LYS A 280 2.29 8.03 41.41
N LYS A 281 1.01 7.93 41.04
CA LYS A 281 -0.09 8.22 41.96
C LYS A 281 0.11 9.54 42.70
N GLU A 282 0.61 10.53 41.96
CA GLU A 282 0.87 11.87 42.44
C GLU A 282 0.74 12.77 41.22
N ASN A 283 1.13 12.19 40.09
CA ASN A 283 1.12 12.87 38.82
C ASN A 283 -0.28 12.85 38.21
N ILE A 284 -0.69 11.70 37.68
CA ILE A 284 -2.01 11.58 37.08
C ILE A 284 -3.14 12.12 37.96
N PRO A 285 -3.18 11.70 39.25
CA PRO A 285 -4.22 12.15 40.19
C PRO A 285 -4.50 13.65 40.23
N GLU A 286 -3.45 14.47 40.26
CA GLU A 286 -3.62 15.94 40.28
C GLU A 286 -3.36 16.46 38.88
N PHE A 287 -3.70 15.64 37.89
CA PHE A 287 -3.52 15.97 36.48
C PHE A 287 -2.12 16.52 36.21
N VAL A 288 -1.13 15.94 36.91
CA VAL A 288 0.25 16.37 36.73
C VAL A 288 0.73 16.12 35.31
N ARG A 289 1.00 14.85 34.98
CA ARG A 289 1.41 14.50 33.62
C ARG A 289 0.32 14.91 32.64
N ARG A 290 -0.91 14.98 33.16
CA ARG A 290 -2.05 15.38 32.35
C ARG A 290 -2.17 16.90 32.35
N ALA A 291 -1.22 17.57 32.99
CA ALA A 291 -1.20 19.03 33.04
C ALA A 291 -0.50 19.47 31.76
N LYS A 292 0.14 18.49 31.11
CA LYS A 292 0.86 18.71 29.86
C LYS A 292 -0.01 18.07 28.76
N ASP A 293 -0.39 18.88 27.76
CA ASP A 293 -1.23 18.37 26.68
C ASP A 293 -1.14 19.09 25.34
N LYS A 294 0.04 19.62 25.01
CA LYS A 294 0.21 20.30 23.73
C LYS A 294 0.07 19.22 22.65
N ASN A 295 1.07 18.35 22.56
CA ASN A 295 1.06 17.23 21.62
C ASN A 295 0.12 16.18 22.23
N ASP A 296 -1.13 16.17 21.76
CA ASP A 296 -2.12 15.24 22.29
C ASP A 296 -1.96 13.74 21.96
N SER A 297 -2.08 13.38 20.68
CA SER A 297 -1.98 11.97 20.28
C SER A 297 -2.86 11.15 21.20
N PHE A 298 -4.07 11.63 21.42
CA PHE A 298 -5.02 10.96 22.31
C PHE A 298 -5.55 9.62 21.85
N ARG A 299 -6.18 9.58 20.68
CA ARG A 299 -6.73 8.31 20.22
C ARG A 299 -5.64 7.25 20.21
N LEU A 300 -4.39 7.69 20.07
CA LEU A 300 -3.26 6.77 20.06
C LEU A 300 -3.11 6.19 21.45
N MET A 301 -3.71 6.85 22.41
CA MET A 301 -3.67 6.40 23.79
C MET A 301 -5.08 5.94 24.21
N GLY A 302 -5.97 5.89 23.23
CA GLY A 302 -7.34 5.44 23.48
C GLY A 302 -8.33 6.53 23.82
N PHE A 303 -8.13 7.73 23.28
CA PHE A 303 -9.03 8.84 23.55
C PHE A 303 -9.70 9.42 22.32
N GLY A 304 -11.02 9.50 22.37
CA GLY A 304 -11.80 10.03 21.26
C GLY A 304 -11.77 9.10 20.06
N HIS A 305 -12.32 9.56 18.94
CA HIS A 305 -12.32 8.79 17.72
C HIS A 305 -12.87 9.60 16.56
N ARG A 306 -12.14 9.58 15.46
CA ARG A 306 -12.54 10.33 14.27
C ARG A 306 -14.00 10.16 13.81
N VAL A 307 -14.48 8.91 13.79
CA VAL A 307 -15.83 8.63 13.31
C VAL A 307 -16.93 8.96 14.30
N TYR A 308 -16.89 8.26 15.43
CA TYR A 308 -17.88 8.40 16.48
C TYR A 308 -17.86 9.73 17.19
N LYS A 309 -19.06 10.25 17.43
CA LYS A 309 -19.25 11.54 18.09
C LYS A 309 -19.24 11.52 19.62
N ASN A 310 -20.10 10.71 20.22
CA ASN A 310 -20.17 10.69 21.67
C ASN A 310 -19.53 9.47 22.31
N TYR A 311 -19.58 8.34 21.61
CA TYR A 311 -19.02 7.11 22.15
C TYR A 311 -18.75 6.03 21.10
N ASP A 312 -17.78 5.18 21.38
CA ASP A 312 -17.44 4.10 20.48
C ASP A 312 -18.22 2.87 20.91
N PRO A 313 -19.18 2.44 20.09
CA PRO A 313 -20.00 1.26 20.43
C PRO A 313 -19.17 0.07 20.89
N ARG A 314 -18.00 -0.11 20.27
CA ARG A 314 -17.13 -1.23 20.60
C ARG A 314 -16.52 -1.10 21.99
N ALA A 315 -16.79 0.02 22.66
CA ALA A 315 -16.22 0.26 23.97
C ALA A 315 -16.98 -0.28 25.18
N THR A 316 -18.22 -0.75 24.98
CA THR A 316 -18.99 -1.26 26.11
C THR A 316 -18.55 -2.63 26.58
N VAL A 317 -18.67 -3.61 25.70
CA VAL A 317 -18.27 -4.97 26.05
C VAL A 317 -16.84 -4.97 26.57
N MET A 318 -16.00 -4.08 26.05
CA MET A 318 -14.63 -4.03 26.48
C MET A 318 -14.46 -3.39 27.84
N ARG A 319 -15.32 -2.44 28.18
CA ARG A 319 -15.22 -1.78 29.47
C ARG A 319 -15.65 -2.77 30.55
N GLU A 320 -16.65 -3.59 30.22
CA GLU A 320 -17.15 -4.59 31.15
C GLU A 320 -16.15 -5.73 31.26
N THR A 321 -15.59 -6.13 30.11
CA THR A 321 -14.59 -7.20 30.08
C THR A 321 -13.37 -6.71 30.85
N CYS A 322 -12.99 -5.46 30.60
CA CYS A 322 -11.85 -4.84 31.26
C CYS A 322 -12.00 -4.97 32.77
N HIS A 323 -13.21 -4.70 33.27
CA HIS A 323 -13.48 -4.80 34.72
C HIS A 323 -13.32 -6.23 35.19
N GLU A 324 -14.06 -7.12 34.54
CA GLU A 324 -14.05 -8.55 34.84
C GLU A 324 -12.63 -9.10 35.02
N VAL A 325 -11.84 -9.02 33.97
CA VAL A 325 -10.46 -9.52 34.00
C VAL A 325 -9.67 -8.90 35.13
N LEU A 326 -9.86 -7.61 35.38
CA LEU A 326 -9.15 -6.97 36.49
C LEU A 326 -9.55 -7.71 37.75
N LYS A 327 -10.86 -7.94 37.91
CA LYS A 327 -11.35 -8.67 39.08
C LYS A 327 -10.75 -10.07 39.08
N GLU A 328 -10.51 -10.60 37.89
CA GLU A 328 -9.94 -11.94 37.73
C GLU A 328 -8.45 -11.99 38.01
N LEU A 329 -7.70 -11.10 37.38
CA LEU A 329 -6.27 -11.05 37.60
C LEU A 329 -6.03 -10.60 39.04
N GLY A 330 -7.10 -10.69 39.82
CA GLY A 330 -7.07 -10.33 41.22
C GLY A 330 -6.34 -9.06 41.58
N THR A 331 -5.93 -9.00 42.84
CA THR A 331 -5.21 -7.85 43.36
C THR A 331 -3.73 -7.95 43.06
N LYS A 332 -3.34 -7.38 41.92
CA LYS A 332 -1.96 -7.32 41.46
C LYS A 332 -1.87 -5.99 40.74
N ASP A 333 -3.04 -5.35 40.70
CA ASP A 333 -3.24 -4.07 40.05
C ASP A 333 -3.04 -2.96 41.07
N ASP A 334 -2.13 -2.05 40.76
CA ASP A 334 -1.84 -0.91 41.63
C ASP A 334 -1.62 0.26 40.71
N LEU A 335 -0.64 0.11 39.82
CA LEU A 335 -0.34 1.14 38.84
C LEU A 335 -1.65 1.37 38.09
N LEU A 336 -2.32 0.28 37.77
CA LEU A 336 -3.60 0.34 37.07
C LEU A 336 -4.64 0.79 38.10
N GLU A 337 -4.43 2.03 38.54
CA GLU A 337 -5.26 2.75 39.48
C GLU A 337 -5.47 4.02 38.67
N VAL A 338 -4.41 4.38 37.94
CA VAL A 338 -4.38 5.53 37.06
C VAL A 338 -5.38 5.18 35.96
N ALA A 339 -5.66 3.89 35.87
CA ALA A 339 -6.61 3.37 34.91
C ALA A 339 -7.94 3.94 35.39
N MET A 340 -8.25 3.62 36.64
CA MET A 340 -9.46 4.09 37.28
C MET A 340 -9.47 5.61 37.22
N GLU A 341 -8.28 6.19 37.23
CA GLU A 341 -8.13 7.64 37.20
C GLU A 341 -8.40 8.27 35.85
N LEU A 342 -7.60 7.94 34.85
CA LEU A 342 -7.75 8.51 33.52
C LEU A 342 -9.18 8.58 33.00
N GLU A 343 -9.98 7.55 33.29
CA GLU A 343 -11.36 7.57 32.83
C GLU A 343 -12.07 8.70 33.57
N ASN A 344 -11.83 8.77 34.87
CA ASN A 344 -12.44 9.78 35.71
C ASN A 344 -12.04 11.19 35.25
N ILE A 345 -10.84 11.32 34.73
CA ILE A 345 -10.34 12.61 34.27
C ILE A 345 -10.81 12.93 32.85
N ALA A 346 -11.29 11.89 32.16
CA ALA A 346 -11.77 12.04 30.79
C ALA A 346 -13.28 12.31 30.73
N LEU A 347 -13.99 11.98 31.81
CA LEU A 347 -15.44 12.18 31.88
C LEU A 347 -15.83 13.38 32.74
N ASN A 348 -14.93 13.80 33.62
CA ASN A 348 -15.22 14.91 34.51
C ASN A 348 -14.50 16.21 34.21
N ASP A 349 -13.68 16.24 33.15
CA ASP A 349 -12.96 17.46 32.80
C ASP A 349 -13.63 18.17 31.62
N PRO A 350 -13.75 19.51 31.70
CA PRO A 350 -14.37 20.28 30.61
C PRO A 350 -13.68 19.99 29.28
N TYR A 351 -12.46 20.49 29.13
CA TYR A 351 -11.66 20.29 27.92
C TYR A 351 -12.04 19.00 27.21
N PHE A 352 -11.69 17.88 27.86
CA PHE A 352 -11.98 16.56 27.32
C PHE A 352 -13.46 16.41 27.04
N ILE A 353 -14.28 16.80 28.01
CA ILE A 353 -15.72 16.72 27.86
C ILE A 353 -16.16 17.51 26.63
N GLU A 354 -15.43 18.58 26.35
CA GLU A 354 -15.77 19.45 25.24
C GLU A 354 -15.10 19.08 23.92
N LYS A 355 -13.87 18.56 23.98
CA LYS A 355 -13.18 18.14 22.76
C LYS A 355 -13.48 16.65 22.56
N LYS A 356 -14.43 16.15 23.34
CA LYS A 356 -14.86 14.75 23.31
C LYS A 356 -13.77 13.68 23.20
N LEU A 357 -12.83 13.72 24.14
CA LEU A 357 -11.76 12.74 24.20
C LEU A 357 -12.30 11.63 25.09
N TYR A 358 -13.27 10.90 24.56
CA TYR A 358 -13.93 9.80 25.26
C TYR A 358 -13.17 8.50 25.10
N PRO A 359 -12.90 7.80 26.21
CA PRO A 359 -12.18 6.54 26.11
C PRO A 359 -12.81 5.67 25.03
N ASN A 360 -12.06 5.37 23.98
CA ASN A 360 -12.55 4.53 22.91
C ASN A 360 -12.23 3.07 23.23
N VAL A 361 -12.51 2.17 22.31
CA VAL A 361 -12.26 0.76 22.51
C VAL A 361 -10.80 0.41 22.84
N ASP A 362 -9.87 1.23 22.39
CA ASP A 362 -8.47 0.94 22.66
C ASP A 362 -8.01 1.30 24.06
N PHE A 363 -8.66 2.30 24.66
CA PHE A 363 -8.33 2.69 26.02
C PHE A 363 -8.42 1.43 26.91
N TYR A 364 -9.56 0.75 26.87
CA TYR A 364 -9.76 -0.45 27.68
C TYR A 364 -9.01 -1.68 27.19
N SER A 365 -8.85 -1.81 25.88
CA SER A 365 -8.12 -2.94 25.31
C SER A 365 -6.71 -2.90 25.85
N GLY A 366 -6.15 -1.69 25.87
CA GLY A 366 -4.81 -1.50 26.38
C GLY A 366 -4.72 -1.94 27.82
N ILE A 367 -5.69 -1.50 28.62
CA ILE A 367 -5.71 -1.86 30.03
C ILE A 367 -5.73 -3.36 30.22
N ILE A 368 -6.51 -4.05 29.40
CA ILE A 368 -6.59 -5.51 29.50
C ILE A 368 -5.24 -6.14 29.16
N LEU A 369 -4.74 -5.85 27.97
CA LEU A 369 -3.47 -6.38 27.53
C LEU A 369 -2.42 -6.12 28.60
N LYS A 370 -2.37 -4.89 29.11
CA LYS A 370 -1.41 -4.54 30.15
C LYS A 370 -1.63 -5.45 31.31
N ALA A 371 -2.87 -5.50 31.78
CA ALA A 371 -3.24 -6.35 32.90
C ALA A 371 -2.72 -7.75 32.60
N MET A 372 -2.42 -7.98 31.32
CA MET A 372 -1.92 -9.28 30.88
C MET A 372 -0.41 -9.29 30.71
N GLY A 373 0.26 -8.21 31.11
CA GLY A 373 1.70 -8.15 30.99
C GLY A 373 2.25 -8.04 29.59
N ILE A 374 1.35 -7.80 28.63
CA ILE A 374 1.75 -7.63 27.25
C ILE A 374 2.33 -6.22 27.11
N PRO A 375 3.48 -6.08 26.45
CA PRO A 375 4.10 -4.76 26.26
C PRO A 375 3.34 -3.93 25.22
N SER A 376 3.42 -2.61 25.32
CA SER A 376 2.73 -1.75 24.39
C SER A 376 3.05 -2.02 22.93
N SER A 377 4.33 -2.26 22.65
CA SER A 377 4.77 -2.53 21.29
C SER A 377 3.88 -3.56 20.61
N MET A 378 3.32 -4.47 21.40
CA MET A 378 2.44 -5.54 20.89
C MET A 378 0.99 -5.12 20.69
N PHE A 379 0.63 -3.89 21.05
CA PHE A 379 -0.76 -3.48 20.90
C PHE A 379 -1.22 -3.40 19.44
N THR A 380 -0.58 -2.56 18.65
CA THR A 380 -0.99 -2.40 17.26
C THR A 380 -0.82 -3.70 16.45
N VAL A 381 0.01 -4.60 16.95
CA VAL A 381 0.20 -5.87 16.24
C VAL A 381 -1.05 -6.73 16.43
N ILE A 382 -1.48 -6.88 17.68
CA ILE A 382 -2.66 -7.66 17.96
C ILE A 382 -3.84 -7.03 17.25
N PHE A 383 -3.91 -5.70 17.20
CA PHE A 383 -5.02 -5.10 16.50
C PHE A 383 -4.95 -5.48 15.02
N ALA A 384 -3.79 -5.24 14.41
CA ALA A 384 -3.58 -5.56 13.01
C ALA A 384 -3.87 -7.03 12.75
N MET A 385 -3.51 -7.86 13.72
CA MET A 385 -3.73 -9.29 13.61
C MET A 385 -5.23 -9.54 13.51
N ALA A 386 -5.99 -9.02 14.46
CA ALA A 386 -7.44 -9.19 14.46
C ALA A 386 -8.09 -8.56 13.25
N ARG A 387 -7.58 -7.41 12.83
CA ARG A 387 -8.12 -6.67 11.72
C ARG A 387 -7.91 -7.29 10.35
N THR A 388 -6.99 -8.24 10.24
CA THR A 388 -6.73 -8.85 8.95
C THR A 388 -7.97 -9.52 8.31
N VAL A 389 -8.82 -10.17 9.11
CA VAL A 389 -10.04 -10.78 8.56
C VAL A 389 -10.85 -9.69 7.82
N GLY A 390 -10.81 -8.46 8.35
CA GLY A 390 -11.53 -7.38 7.72
C GLY A 390 -10.88 -7.01 6.39
N TRP A 391 -9.56 -6.81 6.41
CA TRP A 391 -8.83 -6.47 5.20
C TRP A 391 -9.02 -7.48 4.08
N ILE A 392 -9.08 -8.77 4.40
CA ILE A 392 -9.29 -9.78 3.35
C ILE A 392 -10.64 -9.48 2.69
N ALA A 393 -11.66 -9.37 3.52
CA ALA A 393 -13.03 -9.09 3.08
C ALA A 393 -13.11 -7.95 2.08
N HIS A 394 -12.70 -6.77 2.51
CA HIS A 394 -12.73 -5.60 1.66
C HIS A 394 -11.92 -5.89 0.41
N TRP A 395 -10.74 -6.46 0.59
CA TRP A 395 -9.89 -6.81 -0.52
C TRP A 395 -10.72 -7.70 -1.46
N SER A 396 -11.21 -8.82 -0.90
CA SER A 396 -12.00 -9.75 -1.67
C SER A 396 -13.15 -9.05 -2.38
N GLU A 397 -13.99 -8.37 -1.61
CA GLU A 397 -15.14 -7.66 -2.15
C GLU A 397 -14.75 -6.62 -3.20
N MET A 398 -13.51 -6.16 -3.16
CA MET A 398 -13.03 -5.19 -4.13
C MET A 398 -12.78 -5.88 -5.48
N HIS A 399 -12.37 -7.14 -5.40
CA HIS A 399 -12.09 -7.93 -6.60
C HIS A 399 -13.39 -8.33 -7.26
N SER A 400 -14.13 -9.17 -6.54
CA SER A 400 -15.40 -9.69 -7.00
C SER A 400 -16.29 -8.63 -7.64
N ASP A 401 -15.94 -7.36 -7.44
CA ASP A 401 -16.69 -6.26 -8.03
C ASP A 401 -16.64 -6.38 -9.54
N GLY A 402 -15.66 -5.69 -10.11
CA GLY A 402 -15.46 -5.68 -11.55
C GLY A 402 -14.12 -5.00 -11.67
N MET A 403 -13.87 -4.14 -10.69
CA MET A 403 -12.64 -3.38 -10.55
C MET A 403 -12.03 -2.82 -11.84
N LYS A 404 -12.72 -1.85 -12.43
CA LYS A 404 -12.22 -1.20 -13.64
C LYS A 404 -10.93 -0.45 -13.25
N ILE A 405 -10.34 -0.93 -12.17
CA ILE A 405 -9.10 -0.47 -11.54
C ILE A 405 -9.30 1.03 -11.26
N ALA A 406 -8.23 1.81 -11.12
CA ALA A 406 -8.46 3.23 -10.83
C ALA A 406 -7.27 4.12 -11.09
N ARG A 407 -7.48 5.09 -11.98
CA ARG A 407 -6.43 6.04 -12.31
C ARG A 407 -6.95 7.42 -11.99
N PRO A 408 -6.82 7.83 -10.71
CA PRO A 408 -7.29 9.16 -10.29
C PRO A 408 -6.66 10.25 -11.15
N ARG A 409 -7.43 11.29 -11.41
CA ARG A 409 -6.95 12.38 -12.22
C ARG A 409 -6.29 13.40 -11.31
N GLN A 410 -5.29 14.09 -11.83
CA GLN A 410 -4.64 15.14 -11.07
C GLN A 410 -4.96 16.42 -11.80
N LEU A 411 -4.95 17.52 -11.06
CA LEU A 411 -5.17 18.85 -11.61
C LEU A 411 -3.74 19.35 -11.63
N TYR A 412 -3.11 19.29 -12.79
CA TYR A 412 -1.73 19.73 -12.90
C TYR A 412 -1.62 21.24 -12.79
N THR A 413 -0.65 21.70 -12.01
CA THR A 413 -0.46 23.14 -11.81
C THR A 413 1.01 23.46 -11.81
N GLY A 414 1.82 22.54 -12.30
CA GLY A 414 3.25 22.75 -12.33
C GLY A 414 3.62 23.65 -13.48
N TYR A 415 4.89 23.57 -13.89
CA TYR A 415 5.39 24.38 -14.98
C TYR A 415 4.71 24.05 -16.30
N GLU A 416 4.96 24.90 -17.29
CA GLU A 416 4.38 24.76 -18.62
C GLU A 416 5.53 24.36 -19.55
N LYS A 417 5.29 23.37 -20.39
CA LYS A 417 6.31 22.87 -21.31
C LYS A 417 7.41 23.90 -21.54
N ARG A 418 8.59 23.61 -20.99
CA ARG A 418 9.76 24.47 -21.13
C ARG A 418 10.93 23.65 -21.64
N ASP A 419 11.89 24.31 -22.29
CA ASP A 419 13.05 23.61 -22.84
C ASP A 419 14.09 23.37 -21.77
N PHE A 420 14.76 22.23 -21.89
CA PHE A 420 15.80 21.88 -20.95
C PHE A 420 17.17 22.04 -21.57
N LYS A 421 18.13 22.43 -20.72
CA LYS A 421 19.51 22.61 -21.12
C LYS A 421 20.31 22.63 -19.81
N SER A 422 20.81 21.45 -19.43
CA SER A 422 21.57 21.26 -18.21
C SER A 422 22.59 22.36 -17.92
N ASP A 423 22.51 22.95 -16.73
CA ASP A 423 23.46 23.99 -16.33
C ASP A 423 24.66 23.30 -15.69
N ILE A 424 24.77 21.99 -15.87
CA ILE A 424 25.85 21.22 -15.28
C ILE A 424 26.65 20.42 -16.28
N LYS A 425 27.86 20.04 -15.86
CA LYS A 425 28.71 19.22 -16.68
C LYS A 425 29.51 18.30 -15.75
N ARG A 426 28.83 17.28 -15.24
CA ARG A 426 29.42 16.27 -14.36
C ARG A 426 28.62 14.97 -14.54
N ALA B 1 -10.14 27.88 -19.38
CA ALA B 1 -11.59 28.19 -19.30
C ALA B 1 -12.23 28.25 -20.69
N ASP B 2 -12.59 27.08 -21.23
CA ASP B 2 -13.19 27.00 -22.56
C ASP B 2 -14.72 26.97 -22.47
N THR B 3 -15.30 25.77 -22.48
CA THR B 3 -16.75 25.63 -22.41
C THR B 3 -17.21 25.32 -20.98
N LYS B 4 -16.72 26.12 -20.03
CA LYS B 4 -17.07 25.96 -18.62
C LYS B 4 -16.92 27.27 -17.83
N ALA B 5 -18.05 27.90 -17.51
CA ALA B 5 -18.06 29.16 -16.75
C ALA B 5 -18.26 28.85 -15.27
N LYS B 6 -19.52 28.64 -14.89
CA LYS B 6 -19.88 28.29 -13.52
C LYS B 6 -20.99 27.24 -13.61
N LEU B 7 -20.71 26.07 -13.07
CA LEU B 7 -21.66 24.94 -13.11
C LEU B 7 -22.66 24.97 -11.95
N THR B 8 -23.76 24.23 -12.12
CA THR B 8 -24.79 24.19 -11.09
C THR B 8 -25.25 22.79 -10.72
N LEU B 9 -24.98 22.38 -9.49
CA LEU B 9 -25.42 21.07 -9.02
C LEU B 9 -26.88 21.29 -8.68
N ASP B 10 -27.76 20.57 -9.36
CA ASP B 10 -29.18 20.76 -9.14
C ASP B 10 -29.92 19.70 -8.35
N GLY B 11 -30.23 20.02 -7.10
CA GLY B 11 -30.99 19.11 -6.26
C GLY B 11 -32.41 19.64 -6.38
N ASP B 12 -32.71 20.68 -5.61
CA ASP B 12 -33.99 21.36 -5.65
C ASP B 12 -33.73 22.86 -5.52
N THR B 13 -32.52 23.20 -5.10
CA THR B 13 -32.05 24.58 -4.94
C THR B 13 -30.72 24.64 -5.70
N ALA B 14 -30.62 25.54 -6.66
CA ALA B 14 -29.41 25.67 -7.48
C ALA B 14 -28.12 25.80 -6.68
N VAL B 15 -27.17 24.89 -6.94
CA VAL B 15 -25.88 24.89 -6.27
C VAL B 15 -24.76 25.19 -7.27
N GLU B 16 -24.18 26.37 -7.16
CA GLU B 16 -23.10 26.80 -8.06
C GLU B 16 -21.76 26.31 -7.52
N LEU B 17 -21.00 25.58 -8.35
CA LEU B 17 -19.69 25.07 -7.95
C LEU B 17 -18.58 25.73 -8.76
N ASP B 18 -17.59 26.30 -8.07
CA ASP B 18 -16.50 26.98 -8.76
C ASP B 18 -15.58 26.02 -9.48
N VAL B 19 -15.37 26.28 -10.76
CA VAL B 19 -14.51 25.45 -11.58
C VAL B 19 -13.06 25.94 -11.48
N LEU B 20 -12.16 25.03 -11.11
CA LEU B 20 -10.73 25.33 -10.98
C LEU B 20 -10.04 25.00 -12.30
N LYS B 21 -8.83 25.52 -12.50
CA LYS B 21 -8.11 25.27 -13.75
C LYS B 21 -6.65 24.86 -13.56
N GLY B 22 -6.23 23.80 -14.26
CA GLY B 22 -4.84 23.36 -14.14
C GLY B 22 -4.01 24.17 -15.11
N THR B 23 -2.68 24.22 -14.94
CA THR B 23 -1.82 24.97 -15.86
C THR B 23 -1.77 24.29 -17.22
N LEU B 24 -1.91 22.97 -17.22
CA LEU B 24 -1.94 22.21 -18.45
C LEU B 24 -3.07 21.21 -18.30
N GLY B 25 -3.78 20.94 -19.38
CA GLY B 25 -4.87 19.99 -19.31
C GLY B 25 -6.17 20.50 -18.73
N GLN B 26 -7.16 19.61 -18.72
CA GLN B 26 -8.49 19.92 -18.21
C GLN B 26 -8.56 20.60 -16.85
N ASP B 27 -9.48 21.55 -16.77
CA ASP B 27 -9.77 22.29 -15.55
C ASP B 27 -10.81 21.44 -14.87
N VAL B 28 -11.11 21.74 -13.61
CA VAL B 28 -12.08 20.91 -12.89
C VAL B 28 -13.12 21.64 -12.07
N ILE B 29 -14.13 20.87 -11.64
CA ILE B 29 -15.22 21.35 -10.80
C ILE B 29 -14.80 21.12 -9.36
N ASP B 30 -15.13 22.02 -8.46
CA ASP B 30 -14.77 21.81 -7.08
C ASP B 30 -15.92 21.07 -6.40
N ILE B 31 -15.62 20.21 -5.43
CA ILE B 31 -16.66 19.47 -4.72
C ILE B 31 -16.24 19.07 -3.31
N ARG B 32 -15.20 19.72 -2.79
CA ARG B 32 -14.69 19.40 -1.46
C ARG B 32 -15.73 19.44 -0.34
N THR B 33 -16.35 20.60 -0.12
CA THR B 33 -17.34 20.77 0.94
C THR B 33 -18.70 20.11 0.70
N LEU B 34 -18.95 19.61 -0.50
CA LEU B 34 -20.24 18.96 -0.78
C LEU B 34 -20.67 18.11 0.40
N GLY B 35 -19.76 17.29 0.90
CA GLY B 35 -20.07 16.45 2.03
C GLY B 35 -20.65 17.31 3.14
N SER B 36 -19.95 18.40 3.47
CA SER B 36 -20.38 19.33 4.51
C SER B 36 -21.76 19.86 4.19
N LYS B 37 -22.36 19.34 3.13
CA LYS B 37 -23.70 19.73 2.72
C LYS B 37 -24.40 18.43 2.30
N GLY B 38 -24.12 17.37 3.05
CA GLY B 38 -24.70 16.06 2.81
C GLY B 38 -24.72 15.54 1.38
N VAL B 39 -24.07 16.23 0.47
CA VAL B 39 -24.05 15.81 -0.92
C VAL B 39 -22.74 15.15 -1.29
N PHE B 40 -22.82 13.87 -1.61
CA PHE B 40 -21.65 13.08 -1.98
C PHE B 40 -21.81 12.51 -3.40
N THR B 41 -20.70 12.37 -4.12
CA THR B 41 -20.76 11.81 -5.46
C THR B 41 -20.52 10.31 -5.31
N PHE B 42 -20.74 9.58 -6.39
CA PHE B 42 -20.51 8.14 -6.43
C PHE B 42 -19.73 7.84 -7.70
N ASP B 43 -18.50 7.39 -7.56
CA ASP B 43 -17.67 7.11 -8.72
C ASP B 43 -16.65 6.00 -8.41
N PRO B 44 -17.11 4.76 -8.29
CA PRO B 44 -16.18 3.67 -8.01
C PRO B 44 -15.37 3.49 -9.28
N GLY B 45 -14.21 4.11 -9.32
CA GLY B 45 -13.36 4.02 -10.50
C GLY B 45 -12.51 5.26 -10.57
N PHE B 46 -12.92 6.30 -9.85
CA PHE B 46 -12.19 7.57 -9.80
C PHE B 46 -11.74 8.08 -11.17
N THR B 47 -12.49 7.72 -12.20
CA THR B 47 -12.19 8.12 -13.57
C THR B 47 -12.74 9.53 -13.88
N SER B 48 -13.56 10.05 -12.97
CA SER B 48 -14.18 11.36 -13.14
C SER B 48 -13.80 12.25 -11.95
N THR B 49 -13.24 11.64 -10.92
CA THR B 49 -12.84 12.35 -9.72
C THR B 49 -11.34 12.65 -9.78
N THR B 50 -10.99 13.91 -9.56
CA THR B 50 -9.61 14.34 -9.60
C THR B 50 -9.01 14.22 -8.22
N SER B 51 -8.29 13.13 -8.01
CA SER B 51 -7.68 12.84 -6.72
C SER B 51 -6.86 14.01 -6.16
N CYS B 52 -6.02 14.59 -6.99
CA CYS B 52 -5.17 15.65 -6.48
C CYS B 52 -4.69 16.69 -7.46
N GLU B 53 -3.95 17.65 -6.92
CA GLU B 53 -3.33 18.71 -7.66
C GLU B 53 -1.84 18.35 -7.58
N SER B 54 -1.12 18.46 -8.69
CA SER B 54 0.32 18.13 -8.68
C SER B 54 1.11 19.09 -9.57
N LYS B 55 2.43 18.91 -9.60
CA LYS B 55 3.29 19.78 -10.39
C LYS B 55 4.52 19.02 -10.90
N ILE B 56 4.60 17.73 -10.58
CA ILE B 56 5.75 16.93 -10.95
C ILE B 56 5.79 16.53 -12.42
N THR B 57 4.85 15.66 -12.81
CA THR B 57 4.75 15.14 -14.18
C THR B 57 3.43 15.49 -14.83
N PHE B 58 3.48 15.77 -16.13
CA PHE B 58 2.27 16.06 -16.90
C PHE B 58 2.21 15.12 -18.09
N ILE B 59 1.04 14.52 -18.27
CA ILE B 59 0.85 13.60 -19.37
C ILE B 59 -0.41 13.97 -20.10
N ASP B 60 -0.28 14.10 -21.43
CA ASP B 60 -1.44 14.38 -22.27
C ASP B 60 -1.57 13.13 -23.15
N GLY B 61 -2.45 12.23 -22.73
CA GLY B 61 -2.68 10.97 -23.40
C GLY B 61 -2.75 11.03 -24.91
N ASP B 62 -3.87 11.49 -25.43
CA ASP B 62 -4.04 11.62 -26.88
C ASP B 62 -2.78 12.11 -27.57
N GLU B 63 -2.25 13.23 -27.07
CA GLU B 63 -1.06 13.85 -27.62
C GLU B 63 0.20 13.02 -27.45
N GLY B 64 0.19 12.07 -26.52
CA GLY B 64 1.37 11.28 -26.30
C GLY B 64 2.41 12.21 -25.73
N ILE B 65 1.97 13.13 -24.87
CA ILE B 65 2.86 14.09 -24.22
C ILE B 65 3.14 13.71 -22.74
N LEU B 66 4.40 13.78 -22.37
CA LEU B 66 4.86 13.47 -21.02
C LEU B 66 5.96 14.46 -20.70
N LEU B 67 5.77 15.23 -19.62
CA LEU B 67 6.75 16.21 -19.17
C LEU B 67 7.06 15.97 -17.69
N HIS B 68 8.29 16.29 -17.28
CA HIS B 68 8.69 16.16 -15.88
C HIS B 68 9.17 17.53 -15.40
N ARG B 69 8.42 18.15 -14.48
CA ARG B 69 8.75 19.48 -13.96
C ARG B 69 8.82 20.45 -15.14
N GLY B 70 7.94 20.25 -16.13
CA GLY B 70 7.90 21.12 -17.28
C GLY B 70 8.71 20.68 -18.49
N PHE B 71 9.80 19.93 -18.26
CA PHE B 71 10.68 19.49 -19.36
C PHE B 71 10.15 18.29 -20.15
N PRO B 72 10.26 18.34 -21.50
CA PRO B 72 9.78 17.21 -22.30
C PRO B 72 10.64 15.97 -22.02
N ILE B 73 9.99 14.84 -21.73
CA ILE B 73 10.73 13.61 -21.44
C ILE B 73 11.84 13.33 -22.45
N ASP B 74 11.66 13.81 -23.67
CA ASP B 74 12.63 13.61 -24.73
C ASP B 74 13.96 14.24 -24.44
N GLN B 75 13.92 15.52 -24.07
CA GLN B 75 15.12 16.26 -23.77
C GLN B 75 15.84 15.65 -22.60
N LEU B 76 15.11 15.39 -21.53
CA LEU B 76 15.70 14.80 -20.34
C LEU B 76 16.38 13.46 -20.64
N ALA B 77 15.67 12.56 -21.30
CA ALA B 77 16.19 11.24 -21.63
C ALA B 77 17.33 11.27 -22.63
N THR B 78 17.78 12.46 -23.00
CA THR B 78 18.86 12.59 -23.97
C THR B 78 20.03 13.47 -23.56
N ASP B 79 19.76 14.58 -22.88
CA ASP B 79 20.82 15.51 -22.47
C ASP B 79 21.13 15.55 -20.96
N SER B 80 20.26 14.97 -20.16
CA SER B 80 20.46 14.96 -18.72
C SER B 80 20.96 13.58 -18.31
N ASN B 81 20.68 13.20 -17.07
CA ASN B 81 21.03 11.89 -16.56
C ASN B 81 20.15 11.65 -15.34
N TYR B 82 19.91 10.37 -15.02
CA TYR B 82 19.03 10.00 -13.92
C TYR B 82 19.20 10.89 -12.68
N LEU B 83 20.44 11.17 -12.29
CA LEU B 83 20.65 12.01 -11.12
C LEU B 83 20.10 13.42 -11.28
N GLU B 84 20.45 14.08 -12.38
CA GLU B 84 19.97 15.44 -12.63
C GLU B 84 18.47 15.40 -12.70
N VAL B 85 17.96 14.37 -13.38
CA VAL B 85 16.53 14.19 -13.48
C VAL B 85 16.03 14.01 -12.07
N CYS B 86 16.58 13.02 -11.36
CA CYS B 86 16.21 12.77 -9.97
C CYS B 86 16.17 14.08 -9.22
N TYR B 87 17.28 14.82 -9.28
CA TYR B 87 17.32 16.10 -8.58
C TYR B 87 16.11 16.95 -8.96
N ILE B 88 15.84 17.04 -10.27
CA ILE B 88 14.73 17.82 -10.80
C ILE B 88 13.35 17.43 -10.24
N LEU B 89 12.89 16.23 -10.53
CA LEU B 89 11.59 15.80 -10.02
C LEU B 89 11.43 16.17 -8.55
N LEU B 90 12.48 15.90 -7.78
CA LEU B 90 12.47 16.18 -6.35
C LEU B 90 12.51 17.67 -6.00
N ASN B 91 13.23 18.47 -6.79
CA ASN B 91 13.37 19.91 -6.53
C ASN B 91 12.67 20.91 -7.46
N GLY B 92 11.98 20.43 -8.49
CA GLY B 92 11.25 21.30 -9.39
C GLY B 92 12.05 22.14 -10.37
N GLU B 93 13.37 22.14 -10.24
CA GLU B 93 14.22 22.91 -11.13
C GLU B 93 15.49 22.10 -11.41
N LYS B 94 16.20 22.47 -12.48
CA LYS B 94 17.43 21.78 -12.82
C LYS B 94 18.51 22.38 -11.93
N PRO B 95 19.39 21.53 -11.40
CA PRO B 95 20.47 21.96 -10.51
C PRO B 95 21.58 22.77 -11.16
N THR B 96 22.35 23.42 -10.29
CA THR B 96 23.51 24.21 -10.70
C THR B 96 24.61 23.19 -10.46
N GLN B 97 25.73 23.31 -11.15
CA GLN B 97 26.79 22.35 -10.94
C GLN B 97 26.93 22.14 -9.43
N GLU B 98 26.83 23.21 -8.66
CA GLU B 98 26.96 23.12 -7.21
C GLU B 98 25.83 22.38 -6.51
N GLN B 99 24.59 22.61 -6.96
CA GLN B 99 23.47 21.91 -6.36
C GLN B 99 23.57 20.44 -6.78
N TYR B 100 23.91 20.23 -8.03
CA TYR B 100 24.05 18.88 -8.57
C TYR B 100 25.23 18.14 -7.99
N ASP B 101 26.35 18.81 -7.82
CA ASP B 101 27.52 18.14 -7.27
C ASP B 101 27.35 17.79 -5.78
N GLU B 102 26.62 18.62 -5.05
CA GLU B 102 26.35 18.38 -3.63
C GLU B 102 25.38 17.20 -3.54
N PHE B 103 24.36 17.26 -4.38
CA PHE B 103 23.34 16.22 -4.44
C PHE B 103 24.04 14.89 -4.71
N LYS B 104 24.84 14.86 -5.78
CA LYS B 104 25.56 13.67 -6.17
C LYS B 104 26.44 13.13 -5.07
N THR B 105 26.84 14.02 -4.17
CA THR B 105 27.68 13.65 -3.04
C THR B 105 26.84 12.86 -2.04
N THR B 106 25.80 13.52 -1.52
CA THR B 106 24.88 12.94 -0.55
C THR B 106 24.32 11.59 -1.01
N VAL B 107 24.11 11.45 -2.32
CA VAL B 107 23.57 10.21 -2.83
C VAL B 107 24.57 9.07 -2.75
N THR B 108 25.70 9.21 -3.44
CA THR B 108 26.70 8.15 -3.46
C THR B 108 27.23 7.77 -2.09
N ARG B 109 27.24 8.71 -1.16
CA ARG B 109 27.74 8.44 0.18
C ARG B 109 26.74 7.77 1.09
N HIS B 110 25.86 6.94 0.55
CA HIS B 110 24.84 6.23 1.34
C HIS B 110 24.35 5.04 0.54
N THR B 111 25.08 4.70 -0.50
CA THR B 111 24.67 3.60 -1.36
C THR B 111 24.96 2.25 -0.73
N MET B 112 25.58 2.29 0.45
CA MET B 112 25.92 1.06 1.14
C MET B 112 24.74 0.65 2.02
N ILE B 113 24.45 -0.65 2.04
CA ILE B 113 23.35 -1.21 2.81
C ILE B 113 23.83 -1.90 4.10
N HIS B 114 23.14 -1.65 5.22
CA HIS B 114 23.49 -2.23 6.51
C HIS B 114 23.75 -3.72 6.30
N GLU B 115 24.80 -4.23 6.92
CA GLU B 115 25.12 -5.64 6.74
C GLU B 115 24.10 -6.63 7.29
N GLN B 116 23.29 -6.19 8.26
CA GLN B 116 22.29 -7.08 8.84
C GLN B 116 21.24 -7.41 7.78
N ILE B 117 21.03 -6.47 6.88
CA ILE B 117 20.07 -6.67 5.81
C ILE B 117 20.58 -7.73 4.84
N THR B 118 21.88 -7.97 4.83
CA THR B 118 22.44 -9.00 3.96
C THR B 118 22.05 -10.34 4.55
N ARG B 119 22.05 -10.40 5.88
CA ARG B 119 21.70 -11.63 6.58
C ARG B 119 20.25 -11.94 6.26
N LEU B 120 19.48 -10.89 6.03
CA LEU B 120 18.07 -11.04 5.72
C LEU B 120 17.90 -11.65 4.34
N PHE B 121 18.79 -11.30 3.42
CA PHE B 121 18.75 -11.85 2.05
C PHE B 121 18.90 -13.37 2.01
N HIS B 122 19.75 -13.91 2.88
CA HIS B 122 19.98 -15.33 2.89
C HIS B 122 18.84 -16.15 3.48
N ALA B 123 17.98 -15.48 4.24
CA ALA B 123 16.82 -16.16 4.82
C ALA B 123 15.87 -16.53 3.68
N PHE B 124 15.75 -15.65 2.68
CA PHE B 124 14.90 -15.88 1.51
C PHE B 124 15.38 -17.07 0.68
N ARG B 125 14.45 -17.83 0.10
CA ARG B 125 14.79 -18.98 -0.73
C ARG B 125 15.58 -18.56 -1.98
N ARG B 126 16.47 -19.44 -2.44
CA ARG B 126 17.30 -19.19 -3.63
C ARG B 126 16.47 -19.17 -4.92
N ASP B 127 15.31 -19.83 -4.91
CA ASP B 127 14.45 -19.90 -6.09
C ASP B 127 13.45 -18.73 -6.16
N SER B 128 13.43 -17.90 -5.13
CA SER B 128 12.52 -16.75 -5.06
C SER B 128 12.63 -15.82 -6.27
N HIS B 129 11.54 -15.14 -6.61
CA HIS B 129 11.51 -14.20 -7.73
C HIS B 129 12.08 -12.87 -7.26
N PRO B 130 13.06 -12.31 -7.99
CA PRO B 130 13.68 -11.04 -7.61
C PRO B 130 12.69 -9.99 -7.09
N MET B 131 11.64 -9.74 -7.86
CA MET B 131 10.62 -8.76 -7.47
C MET B 131 10.09 -9.09 -6.07
N ALA B 132 9.74 -10.35 -5.87
CA ALA B 132 9.24 -10.83 -4.59
C ALA B 132 10.23 -10.52 -3.47
N VAL B 133 11.46 -10.98 -3.66
CA VAL B 133 12.50 -10.74 -2.67
C VAL B 133 12.63 -9.24 -2.46
N MET B 134 12.65 -8.52 -3.58
CA MET B 134 12.76 -7.06 -3.60
C MET B 134 11.79 -6.40 -2.62
N CYS B 135 10.54 -6.87 -2.61
CA CYS B 135 9.50 -6.34 -1.70
C CYS B 135 9.85 -6.78 -0.28
N GLY B 136 10.09 -8.08 -0.16
CA GLY B 136 10.43 -8.63 1.14
C GLY B 136 11.43 -7.73 1.83
N ILE B 137 12.44 -7.29 1.09
CA ILE B 137 13.47 -6.45 1.66
C ILE B 137 12.97 -5.03 1.94
N THR B 138 12.64 -4.28 0.90
CA THR B 138 12.19 -2.90 1.10
C THR B 138 11.28 -2.79 2.32
N GLY B 139 10.25 -3.62 2.39
CA GLY B 139 9.30 -3.58 3.49
C GLY B 139 9.93 -3.71 4.87
N ALA B 140 11.06 -4.41 4.93
CA ALA B 140 11.78 -4.63 6.18
C ALA B 140 12.71 -3.47 6.50
N LEU B 141 12.72 -2.47 5.65
CA LEU B 141 13.59 -1.33 5.89
C LEU B 141 13.18 -0.52 7.10
N ALA B 142 11.88 -0.39 7.35
CA ALA B 142 11.41 0.40 8.49
C ALA B 142 11.83 -0.16 9.85
N ALA B 143 12.25 -1.42 9.88
CA ALA B 143 12.68 -2.08 11.12
C ALA B 143 14.13 -1.82 11.52
N PHE B 144 14.91 -1.23 10.63
CA PHE B 144 16.32 -0.94 10.92
C PHE B 144 16.51 0.58 10.96
N TYR B 145 16.41 1.18 9.78
CA TYR B 145 16.54 2.62 9.60
C TYR B 145 15.27 3.22 10.23
N HIS B 146 15.20 3.12 11.56
CA HIS B 146 14.05 3.59 12.32
C HIS B 146 14.00 5.08 12.68
N ASP B 147 15.03 5.84 12.30
CA ASP B 147 15.08 7.28 12.60
C ASP B 147 14.48 8.15 11.51
N SER B 148 14.53 7.69 10.27
CA SER B 148 13.99 8.44 9.13
C SER B 148 12.53 8.08 8.83
N LEU B 149 11.82 7.60 9.85
CA LEU B 149 10.42 7.21 9.68
C LEU B 149 9.43 8.27 10.18
N ASP B 150 9.95 9.36 10.75
CA ASP B 150 9.09 10.44 11.23
C ASP B 150 8.55 11.21 10.03
N VAL B 151 7.61 10.58 9.34
CA VAL B 151 6.98 11.11 8.14
C VAL B 151 6.55 12.57 8.21
N ASN B 152 6.40 13.13 9.41
CA ASN B 152 5.99 14.53 9.53
C ASN B 152 7.04 15.50 10.06
N ASN B 153 8.31 15.10 9.95
CA ASN B 153 9.43 15.97 10.34
C ASN B 153 10.29 16.07 9.09
N PRO B 154 10.08 17.13 8.28
CA PRO B 154 10.85 17.36 7.05
C PRO B 154 12.35 17.10 7.19
N ARG B 155 12.80 16.97 8.44
CA ARG B 155 14.19 16.67 8.74
C ARG B 155 14.44 15.19 8.51
N HIS B 156 13.40 14.38 8.77
CA HIS B 156 13.48 12.94 8.62
C HIS B 156 12.99 12.42 7.28
N ARG B 157 12.27 13.27 6.53
CA ARG B 157 11.73 12.88 5.23
C ARG B 157 12.75 12.89 4.10
N GLU B 158 13.58 13.92 4.05
CA GLU B 158 14.59 14.00 3.00
C GLU B 158 15.65 12.93 3.27
N ILE B 159 15.75 12.51 4.53
CA ILE B 159 16.69 11.47 4.93
C ILE B 159 16.32 10.19 4.17
N ALA B 160 15.14 9.66 4.46
CA ALA B 160 14.64 8.46 3.82
C ALA B 160 14.67 8.66 2.30
N ALA B 161 14.12 9.77 1.83
CA ALA B 161 14.09 10.05 0.40
C ALA B 161 15.45 9.80 -0.22
N PHE B 162 16.51 10.26 0.45
CA PHE B 162 17.87 10.08 -0.05
C PHE B 162 18.30 8.63 0.15
N ARG B 163 17.94 8.06 1.29
CA ARG B 163 18.28 6.68 1.56
C ARG B 163 17.70 5.75 0.48
N LEU B 164 16.40 5.88 0.22
CA LEU B 164 15.75 5.07 -0.78
C LEU B 164 16.39 5.29 -2.16
N LEU B 165 16.94 6.47 -2.38
CA LEU B 165 17.55 6.78 -3.65
C LEU B 165 18.93 6.17 -3.77
N SER B 166 19.66 6.17 -2.66
CA SER B 166 21.00 5.63 -2.65
C SER B 166 21.04 4.12 -2.60
N LYS B 167 20.06 3.53 -1.92
CA LYS B 167 20.04 2.09 -1.72
C LYS B 167 19.31 1.19 -2.72
N MET B 168 18.27 1.68 -3.39
CA MET B 168 17.54 0.84 -4.33
C MET B 168 18.43 0.12 -5.35
N PRO B 169 19.44 0.81 -5.90
CA PRO B 169 20.31 0.14 -6.87
C PRO B 169 21.01 -1.05 -6.19
N THR B 170 21.58 -0.77 -5.03
CA THR B 170 22.29 -1.76 -4.22
C THR B 170 21.43 -3.00 -3.94
N MET B 171 20.17 -2.75 -3.58
CA MET B 171 19.23 -3.83 -3.27
C MET B 171 18.82 -4.67 -4.48
N ALA B 172 18.43 -4.00 -5.57
CA ALA B 172 18.00 -4.67 -6.79
C ALA B 172 19.08 -5.60 -7.35
N ALA B 173 20.32 -5.12 -7.38
CA ALA B 173 21.43 -5.94 -7.90
C ALA B 173 21.71 -7.08 -6.93
N MET B 174 21.26 -6.93 -5.68
CA MET B 174 21.46 -7.98 -4.68
C MET B 174 20.37 -9.01 -4.86
N CYS B 175 19.29 -8.63 -5.55
CA CYS B 175 18.20 -9.55 -5.80
C CYS B 175 18.63 -10.44 -6.93
N TYR B 176 19.38 -9.87 -7.86
CA TYR B 176 19.90 -10.61 -9.01
C TYR B 176 20.97 -11.58 -8.54
N LYS B 177 22.08 -11.00 -8.07
CA LYS B 177 23.21 -11.80 -7.58
C LYS B 177 22.70 -13.00 -6.78
N TYR B 178 21.87 -12.71 -5.78
CA TYR B 178 21.31 -13.76 -4.95
C TYR B 178 20.61 -14.86 -5.74
N SER B 179 19.78 -14.47 -6.71
CA SER B 179 19.06 -15.45 -7.52
C SER B 179 19.98 -16.32 -8.38
N ILE B 180 21.23 -15.88 -8.57
CA ILE B 180 22.17 -16.65 -9.40
C ILE B 180 23.40 -17.16 -8.66
N GLY B 181 23.40 -17.09 -7.33
CA GLY B 181 24.52 -17.60 -6.58
C GLY B 181 25.88 -16.93 -6.67
N GLN B 182 25.93 -15.65 -7.03
CA GLN B 182 27.21 -14.97 -7.07
C GLN B 182 27.28 -14.02 -5.89
N PRO B 183 28.47 -13.73 -5.39
CA PRO B 183 28.56 -12.83 -4.26
C PRO B 183 28.08 -11.43 -4.60
N PHE B 184 27.51 -10.75 -3.60
CA PHE B 184 27.02 -9.39 -3.75
C PHE B 184 28.20 -8.42 -3.92
N VAL B 185 28.00 -7.38 -4.74
CA VAL B 185 29.03 -6.39 -4.99
C VAL B 185 28.74 -5.10 -4.28
N TYR B 186 29.80 -4.42 -3.87
CA TYR B 186 29.68 -3.15 -3.15
C TYR B 186 29.59 -1.94 -4.07
N PRO B 187 29.01 -0.85 -3.55
CA PRO B 187 28.94 0.33 -4.41
C PRO B 187 30.35 0.78 -4.83
N ARG B 188 30.38 1.72 -5.76
CA ARG B 188 31.59 2.31 -6.29
C ARG B 188 31.32 3.79 -6.49
N ASN B 189 31.86 4.61 -5.60
CA ASN B 189 31.64 6.04 -5.67
C ASN B 189 32.18 6.57 -6.99
N ASP B 190 33.32 6.02 -7.39
CA ASP B 190 33.97 6.44 -8.63
C ASP B 190 33.24 5.94 -9.86
N LEU B 191 31.93 5.84 -9.76
CA LEU B 191 31.10 5.38 -10.86
C LEU B 191 29.77 6.14 -10.96
N SER B 192 29.23 6.21 -12.17
CA SER B 192 27.95 6.88 -12.38
C SER B 192 26.87 5.93 -11.85
N TYR B 193 25.71 6.48 -11.52
CA TYR B 193 24.62 5.69 -10.99
C TYR B 193 24.36 4.41 -11.80
N ALA B 194 24.31 4.53 -13.13
CA ALA B 194 24.04 3.38 -14.00
C ALA B 194 25.25 2.49 -14.17
N GLY B 195 26.42 3.10 -14.23
CA GLY B 195 27.63 2.31 -14.38
C GLY B 195 27.86 1.46 -13.14
N ASN B 196 27.56 2.03 -11.97
CA ASN B 196 27.75 1.28 -10.73
C ASN B 196 26.72 0.15 -10.67
N PHE B 197 25.49 0.46 -11.02
CA PHE B 197 24.45 -0.56 -10.99
C PHE B 197 24.78 -1.67 -11.99
N LEU B 198 25.40 -1.29 -13.10
CA LEU B 198 25.78 -2.30 -14.09
C LEU B 198 26.86 -3.13 -13.45
N ASN B 199 27.82 -2.45 -12.83
CA ASN B 199 28.91 -3.13 -12.17
C ASN B 199 28.39 -4.09 -11.11
N MET B 200 27.59 -3.59 -10.18
CA MET B 200 27.05 -4.42 -9.11
C MET B 200 26.24 -5.60 -9.61
N MET B 201 25.68 -5.50 -10.79
CA MET B 201 24.90 -6.60 -11.34
C MET B 201 25.81 -7.67 -11.94
N PHE B 202 26.85 -7.23 -12.63
CA PHE B 202 27.72 -8.13 -13.36
C PHE B 202 29.15 -8.39 -12.96
N SER B 203 29.74 -7.53 -12.15
CA SER B 203 31.14 -7.75 -11.77
C SER B 203 31.32 -8.98 -10.87
N THR B 204 32.51 -9.58 -10.97
CA THR B 204 32.87 -10.77 -10.20
C THR B 204 34.26 -10.53 -9.64
N PRO B 205 34.53 -11.04 -8.42
CA PRO B 205 35.85 -10.86 -7.80
C PRO B 205 36.97 -11.39 -8.70
N CYS B 206 36.63 -12.37 -9.53
CA CYS B 206 37.58 -13.00 -10.44
C CYS B 206 38.37 -12.02 -11.28
N GLU B 207 37.80 -10.84 -11.51
CA GLU B 207 38.50 -9.82 -12.31
C GLU B 207 37.72 -8.51 -12.29
N PRO B 208 38.40 -7.40 -12.63
CA PRO B 208 37.74 -6.08 -12.64
C PRO B 208 36.71 -6.04 -13.77
N TYR B 209 35.63 -5.31 -13.59
CA TYR B 209 34.59 -5.21 -14.62
C TYR B 209 34.78 -3.94 -15.43
N GLU B 210 34.63 -4.04 -16.74
CA GLU B 210 34.79 -2.87 -17.61
C GLU B 210 33.43 -2.38 -18.07
N VAL B 211 33.07 -1.17 -17.66
CA VAL B 211 31.76 -0.63 -18.01
C VAL B 211 31.75 0.00 -19.39
N ASN B 212 31.16 -0.72 -20.33
CA ASN B 212 31.05 -0.25 -21.70
C ASN B 212 30.37 1.11 -21.75
N PRO B 213 30.95 2.05 -22.50
CA PRO B 213 30.42 3.40 -22.65
C PRO B 213 29.00 3.43 -23.17
N ILE B 214 28.71 2.62 -24.18
CA ILE B 214 27.38 2.62 -24.76
C ILE B 214 26.36 1.95 -23.84
N LEU B 215 26.78 0.91 -23.13
CA LEU B 215 25.87 0.22 -22.22
C LEU B 215 25.51 1.11 -21.03
N GLU B 216 26.51 1.80 -20.49
CA GLU B 216 26.36 2.71 -19.37
C GLU B 216 25.31 3.78 -19.69
N ARG B 217 25.41 4.37 -20.87
CA ARG B 217 24.48 5.40 -21.31
C ARG B 217 23.11 4.81 -21.58
N ALA B 218 23.08 3.66 -22.24
CA ALA B 218 21.81 2.99 -22.55
C ALA B 218 21.00 2.66 -21.28
N MET B 219 21.69 2.26 -20.22
CA MET B 219 21.04 1.95 -18.95
C MET B 219 20.44 3.23 -18.35
N ASP B 220 21.29 4.24 -18.15
CA ASP B 220 20.85 5.53 -17.59
C ASP B 220 19.57 5.94 -18.28
N ARG B 221 19.58 5.84 -19.60
CA ARG B 221 18.40 6.19 -20.37
C ARG B 221 17.17 5.42 -19.93
N ILE B 222 17.36 4.13 -19.62
CA ILE B 222 16.22 3.31 -19.16
C ILE B 222 15.75 3.89 -17.84
N LEU B 223 16.71 4.21 -16.99
CA LEU B 223 16.41 4.78 -15.69
C LEU B 223 15.61 6.05 -15.89
N ILE B 224 16.14 6.95 -16.70
CA ILE B 224 15.48 8.23 -16.99
C ILE B 224 14.07 8.00 -17.52
N LEU B 225 13.94 7.05 -18.42
CA LEU B 225 12.66 6.75 -19.04
C LEU B 225 11.61 6.12 -18.13
N HIS B 226 12.01 5.68 -16.94
CA HIS B 226 11.04 5.10 -16.01
C HIS B 226 10.87 5.89 -14.74
N ALA B 227 11.74 6.89 -14.54
CA ALA B 227 11.70 7.74 -13.35
C ALA B 227 10.31 8.08 -12.81
N ASP B 228 9.35 8.32 -13.70
CA ASP B 228 8.00 8.63 -13.25
C ASP B 228 6.98 8.58 -14.37
N HIS B 229 5.75 8.26 -13.99
CA HIS B 229 4.69 8.21 -14.95
C HIS B 229 3.38 8.76 -14.39
N GLU B 230 3.47 9.89 -13.68
CA GLU B 230 2.28 10.52 -13.10
C GLU B 230 1.47 9.62 -12.15
N GLN B 231 0.24 10.02 -11.88
CA GLN B 231 -0.68 9.32 -10.99
C GLN B 231 -1.16 7.91 -11.36
N ASN B 232 -0.30 6.98 -11.73
CA ASN B 232 -0.81 5.66 -12.06
C ASN B 232 -1.28 4.93 -10.83
N ALA B 233 -1.53 3.63 -10.96
CA ALA B 233 -2.01 2.81 -9.86
C ALA B 233 -0.97 2.62 -8.76
N SER B 234 0.30 2.50 -9.15
CA SER B 234 1.38 2.34 -8.17
C SER B 234 1.59 3.61 -7.35
N THR B 235 1.58 4.76 -8.00
CA THR B 235 1.74 6.03 -7.30
C THR B 235 0.50 6.30 -6.45
N SER B 236 -0.63 5.74 -6.86
CA SER B 236 -1.89 5.89 -6.14
C SER B 236 -1.79 5.07 -4.86
N THR B 237 -1.00 4.00 -4.89
CA THR B 237 -0.81 3.15 -3.72
C THR B 237 0.20 3.81 -2.79
N VAL B 238 1.21 4.42 -3.39
CA VAL B 238 2.25 5.10 -2.61
C VAL B 238 1.66 6.35 -1.99
N ARG B 239 0.71 6.97 -2.69
CA ARG B 239 0.07 8.18 -2.21
C ARG B 239 -0.96 7.83 -1.15
N THR B 240 -1.76 6.79 -1.41
CA THR B 240 -2.78 6.34 -0.46
C THR B 240 -2.20 5.67 0.79
N ALA B 241 -1.11 4.92 0.62
CA ALA B 241 -0.48 4.25 1.75
C ALA B 241 0.13 5.33 2.64
N GLY B 242 0.82 6.27 2.02
CA GLY B 242 1.46 7.35 2.77
C GLY B 242 0.53 8.34 3.44
N SER B 243 -0.72 8.43 2.98
CA SER B 243 -1.65 9.39 3.57
C SER B 243 -2.05 9.04 4.99
N SER B 244 -1.97 7.75 5.31
CA SER B 244 -2.33 7.26 6.64
C SER B 244 -1.18 7.36 7.62
N GLY B 245 -0.04 7.87 7.16
CA GLY B 245 1.11 8.02 8.03
C GLY B 245 2.25 7.02 7.86
N ALA B 246 1.97 5.91 7.20
CA ALA B 246 2.98 4.87 6.97
C ALA B 246 4.38 5.45 6.66
N ASN B 247 5.39 4.85 7.27
CA ASN B 247 6.77 5.28 7.08
C ASN B 247 7.15 5.18 5.61
N PRO B 248 8.11 5.98 5.17
CA PRO B 248 8.60 6.00 3.79
C PRO B 248 8.69 4.63 3.10
N PHE B 249 9.57 3.79 3.60
CA PHE B 249 9.80 2.48 3.01
C PHE B 249 8.55 1.67 2.82
N ALA B 250 7.65 1.72 3.80
CA ALA B 250 6.42 0.96 3.71
C ALA B 250 5.67 1.28 2.41
N CYS B 251 5.59 2.55 2.07
CA CYS B 251 4.91 2.99 0.85
C CYS B 251 5.63 2.48 -0.39
N ILE B 252 6.94 2.71 -0.45
CA ILE B 252 7.70 2.25 -1.60
C ILE B 252 7.51 0.76 -1.83
N ALA B 253 7.51 -0.02 -0.76
CA ALA B 253 7.31 -1.45 -0.89
C ALA B 253 5.98 -1.65 -1.59
N ALA B 254 4.97 -0.90 -1.17
CA ALA B 254 3.64 -0.98 -1.78
C ALA B 254 3.71 -0.66 -3.27
N GLY B 255 4.34 0.46 -3.62
CA GLY B 255 4.48 0.83 -5.01
C GLY B 255 5.21 -0.21 -5.83
N ILE B 256 6.02 -1.04 -5.17
CA ILE B 256 6.77 -2.10 -5.83
C ILE B 256 5.87 -3.32 -6.01
N ALA B 257 5.16 -3.70 -4.95
CA ALA B 257 4.28 -4.85 -5.02
C ALA B 257 3.19 -4.56 -6.05
N SER B 258 2.64 -3.36 -5.98
CA SER B 258 1.60 -2.93 -6.89
C SER B 258 2.09 -2.91 -8.35
N LEU B 259 3.27 -2.33 -8.55
CA LEU B 259 3.87 -2.25 -9.89
C LEU B 259 3.90 -3.63 -10.50
N TRP B 260 4.30 -4.60 -9.69
CA TRP B 260 4.38 -6.00 -10.10
C TRP B 260 2.98 -6.49 -10.46
N GLY B 261 2.02 -6.09 -9.61
CA GLY B 261 0.62 -6.43 -9.73
C GLY B 261 0.07 -7.15 -10.93
N PRO B 262 -0.25 -6.42 -12.01
CA PRO B 262 -0.80 -6.98 -13.26
C PRO B 262 0.19 -7.92 -13.98
N ALA B 263 0.64 -8.95 -13.26
CA ALA B 263 1.59 -9.92 -13.79
C ALA B 263 1.89 -10.96 -12.73
N HIS B 264 1.15 -12.08 -12.76
CA HIS B 264 1.31 -13.15 -11.77
C HIS B 264 0.54 -14.43 -12.14
N GLY B 265 -0.29 -14.33 -13.18
CA GLY B 265 -1.11 -15.48 -13.57
C GLY B 265 -0.49 -16.52 -14.47
N GLY B 266 -1.19 -17.65 -14.61
CA GLY B 266 -0.71 -18.74 -15.44
C GLY B 266 -0.31 -18.38 -16.86
N ALA B 267 -0.78 -17.23 -17.34
CA ALA B 267 -0.46 -16.78 -18.69
C ALA B 267 -0.01 -15.32 -18.71
N ASN B 268 0.45 -14.83 -17.55
CA ASN B 268 0.94 -13.45 -17.42
C ASN B 268 2.40 -13.43 -17.86
N GLU B 269 3.16 -14.42 -17.42
CA GLU B 269 4.56 -14.54 -17.79
C GLU B 269 4.64 -15.69 -18.77
N ALA B 270 3.64 -16.58 -18.74
CA ALA B 270 3.59 -17.73 -19.64
C ALA B 270 3.60 -17.20 -21.07
N ALA B 271 3.21 -15.92 -21.19
CA ALA B 271 3.19 -15.25 -22.48
C ALA B 271 4.60 -14.69 -22.63
N LEU B 272 5.05 -13.99 -21.59
CA LEU B 272 6.38 -13.40 -21.53
C LEU B 272 7.38 -14.56 -21.51
N LYS B 273 6.95 -15.68 -22.05
CA LYS B 273 7.74 -16.90 -22.10
C LYS B 273 8.43 -17.03 -23.47
N MET B 274 7.65 -17.22 -24.52
CA MET B 274 8.19 -17.36 -25.87
C MET B 274 8.82 -16.06 -26.39
N LEU B 275 9.07 -15.12 -25.48
CA LEU B 275 9.67 -13.83 -25.81
C LEU B 275 11.19 -13.93 -25.73
N GLU B 276 11.65 -14.64 -24.71
CA GLU B 276 13.07 -14.84 -24.50
C GLU B 276 13.31 -16.35 -24.58
N GLU B 277 12.37 -17.15 -24.07
CA GLU B 277 12.48 -18.62 -24.12
C GLU B 277 12.80 -19.12 -25.52
N ILE B 278 12.35 -18.37 -26.52
CA ILE B 278 12.56 -18.74 -27.91
C ILE B 278 13.14 -17.52 -28.64
N GLY B 279 14.23 -17.75 -29.36
CA GLY B 279 14.87 -16.68 -30.10
C GLY B 279 15.09 -17.16 -31.51
N LYS B 280 14.13 -16.85 -32.37
CA LYS B 280 14.17 -17.26 -33.77
C LYS B 280 13.01 -16.63 -34.52
N LYS B 281 13.34 -15.94 -35.61
CA LYS B 281 12.36 -15.26 -36.44
C LYS B 281 11.06 -16.02 -36.64
N GLU B 282 11.15 -17.19 -37.28
CA GLU B 282 9.97 -18.02 -37.56
C GLU B 282 9.71 -19.18 -36.60
N ASN B 283 9.17 -18.84 -35.43
CA ASN B 283 8.82 -19.81 -34.39
C ASN B 283 7.87 -19.12 -33.42
N ILE B 284 8.38 -18.11 -32.74
CA ILE B 284 7.61 -17.34 -31.78
C ILE B 284 6.40 -16.74 -32.49
N PRO B 285 6.63 -16.00 -33.57
CA PRO B 285 5.51 -15.40 -34.30
C PRO B 285 4.92 -16.32 -35.36
N GLU B 286 5.72 -16.65 -36.38
CA GLU B 286 5.32 -17.51 -37.49
C GLU B 286 4.15 -18.44 -37.21
N PHE B 287 2.93 -17.96 -37.47
CA PHE B 287 1.68 -18.68 -37.25
C PHE B 287 1.65 -19.34 -35.88
N VAL B 288 2.19 -18.65 -34.87
CA VAL B 288 2.27 -19.18 -33.52
C VAL B 288 1.30 -18.47 -32.58
N ARG B 289 1.80 -17.43 -31.90
CA ARG B 289 0.96 -16.67 -30.99
C ARG B 289 -0.04 -15.77 -31.70
N ARG B 290 -0.45 -16.17 -32.90
CA ARG B 290 -1.44 -15.40 -33.65
C ARG B 290 -2.74 -15.61 -32.90
N ALA B 291 -2.74 -16.68 -32.10
CA ALA B 291 -3.88 -17.06 -31.28
C ALA B 291 -3.38 -17.80 -30.03
N LYS B 292 -2.06 -17.92 -29.89
CA LYS B 292 -1.46 -18.60 -28.74
C LYS B 292 -1.56 -17.72 -27.49
N ASP B 293 -1.79 -16.43 -27.69
CA ASP B 293 -1.93 -15.50 -26.58
C ASP B 293 -3.35 -15.69 -26.03
N LYS B 294 -3.49 -15.85 -24.71
CA LYS B 294 -4.84 -16.05 -24.18
C LYS B 294 -5.48 -15.04 -23.21
N ASN B 295 -4.97 -14.84 -21.98
CA ASN B 295 -5.70 -13.86 -21.18
C ASN B 295 -5.22 -12.44 -21.39
N ASP B 296 -4.09 -12.05 -20.80
CA ASP B 296 -3.67 -10.72 -21.18
C ASP B 296 -2.91 -11.01 -22.46
N SER B 297 -1.78 -11.68 -22.22
CA SER B 297 -0.83 -12.10 -23.24
C SER B 297 -0.60 -11.03 -24.31
N PHE B 298 -0.64 -9.76 -23.91
CA PHE B 298 -0.44 -8.65 -24.84
C PHE B 298 0.32 -7.55 -24.11
N ARG B 299 -0.46 -6.91 -23.24
CA ARG B 299 -0.07 -5.80 -22.39
C ARG B 299 1.03 -6.19 -21.40
N LEU B 300 1.70 -7.31 -21.66
CA LEU B 300 2.77 -7.75 -20.76
C LEU B 300 4.15 -7.80 -21.40
N MET B 301 4.20 -7.94 -22.72
CA MET B 301 5.48 -8.01 -23.42
C MET B 301 6.00 -6.64 -23.88
N GLY B 302 5.12 -5.63 -23.86
CA GLY B 302 5.53 -4.30 -24.28
C GLY B 302 4.80 -3.83 -25.52
N PHE B 303 3.48 -4.03 -25.54
CA PHE B 303 2.64 -3.65 -26.67
C PHE B 303 1.32 -2.98 -26.24
N GLY B 304 1.24 -1.65 -26.43
CA GLY B 304 0.04 -0.90 -26.08
C GLY B 304 0.16 -0.16 -24.76
N HIS B 305 -0.87 0.60 -24.40
CA HIS B 305 -0.89 1.34 -23.13
C HIS B 305 -2.19 2.11 -22.93
N ARG B 306 -2.69 2.14 -21.69
CA ARG B 306 -3.96 2.82 -21.41
C ARG B 306 -3.86 4.33 -21.23
N VAL B 307 -2.65 4.88 -21.25
CA VAL B 307 -2.49 6.32 -21.07
C VAL B 307 -2.40 7.06 -22.40
N TYR B 308 -1.51 6.58 -23.25
CA TYR B 308 -1.28 7.20 -24.54
C TYR B 308 -2.19 6.63 -25.61
N LYS B 309 -2.63 7.53 -26.48
CA LYS B 309 -3.56 7.25 -27.56
C LYS B 309 -2.97 6.53 -28.76
N ASN B 310 -1.88 7.05 -29.30
CA ASN B 310 -1.32 6.44 -30.50
C ASN B 310 0.08 5.86 -30.34
N TYR B 311 0.87 6.44 -29.45
CA TYR B 311 2.24 5.97 -29.24
C TYR B 311 2.76 6.28 -27.83
N ASP B 312 3.98 5.82 -27.55
CA ASP B 312 4.61 6.04 -26.25
C ASP B 312 5.73 7.08 -26.37
N PRO B 313 5.51 8.30 -25.86
CA PRO B 313 6.54 9.33 -25.95
C PRO B 313 7.91 8.92 -25.43
N ARG B 314 7.97 7.81 -24.71
CA ARG B 314 9.22 7.33 -24.15
C ARG B 314 9.89 6.33 -25.08
N ALA B 315 9.08 5.55 -25.80
CA ALA B 315 9.59 4.55 -26.72
C ALA B 315 10.48 5.19 -27.77
N THR B 316 10.12 6.41 -28.16
CA THR B 316 10.83 7.20 -29.16
C THR B 316 12.34 7.08 -29.08
N VAL B 317 12.90 7.43 -27.93
CA VAL B 317 14.34 7.38 -27.73
C VAL B 317 14.83 5.99 -27.36
N MET B 318 14.02 5.27 -26.59
CA MET B 318 14.42 3.93 -26.18
C MET B 318 14.82 3.15 -27.40
N ARG B 319 14.04 3.29 -28.47
CA ARG B 319 14.33 2.58 -29.72
C ARG B 319 15.70 3.02 -30.28
N GLU B 320 15.93 4.32 -30.34
CA GLU B 320 17.18 4.88 -30.84
C GLU B 320 18.39 4.24 -30.19
N THR B 321 18.22 3.82 -28.94
CA THR B 321 19.29 3.22 -28.18
C THR B 321 19.52 1.73 -28.48
N CYS B 322 18.44 0.99 -28.76
CA CYS B 322 18.59 -0.43 -29.10
C CYS B 322 19.57 -0.53 -30.25
N HIS B 323 19.40 0.39 -31.20
CA HIS B 323 20.27 0.46 -32.37
C HIS B 323 21.70 0.53 -31.90
N GLU B 324 22.02 1.61 -31.18
CA GLU B 324 23.34 1.82 -30.64
C GLU B 324 23.82 0.62 -29.84
N VAL B 325 22.91 0.01 -29.10
CA VAL B 325 23.22 -1.16 -28.25
C VAL B 325 23.43 -2.46 -29.00
N LEU B 326 22.44 -2.88 -29.77
CA LEU B 326 22.60 -4.11 -30.52
C LEU B 326 23.88 -3.96 -31.33
N LYS B 327 23.92 -2.91 -32.13
CA LYS B 327 25.09 -2.61 -32.96
C LYS B 327 26.35 -2.87 -32.15
N GLU B 328 26.56 -2.06 -31.10
CA GLU B 328 27.71 -2.17 -30.23
C GLU B 328 28.13 -3.60 -29.85
N LEU B 329 27.36 -4.23 -28.97
CA LEU B 329 27.69 -5.58 -28.54
C LEU B 329 27.97 -6.53 -29.67
N GLY B 330 27.19 -6.40 -30.74
CA GLY B 330 27.36 -7.26 -31.90
C GLY B 330 27.18 -8.74 -31.55
N THR B 331 28.26 -9.34 -31.06
CA THR B 331 28.27 -10.74 -30.68
C THR B 331 27.36 -10.92 -29.46
N LYS B 332 26.35 -10.06 -29.35
CA LYS B 332 25.40 -10.14 -28.24
C LYS B 332 24.02 -9.61 -28.67
N ASP B 333 23.67 -9.77 -29.95
CA ASP B 333 22.42 -9.19 -30.50
C ASP B 333 21.77 -9.76 -31.76
N ASP B 334 22.53 -9.80 -32.84
CA ASP B 334 22.02 -10.30 -34.12
C ASP B 334 21.07 -11.50 -34.10
N LEU B 335 21.16 -12.33 -33.08
CA LEU B 335 20.27 -13.48 -32.96
C LEU B 335 18.96 -12.90 -32.44
N LEU B 336 19.11 -11.88 -31.60
CA LEU B 336 18.02 -11.16 -30.96
C LEU B 336 17.38 -10.17 -31.94
N GLU B 337 17.40 -10.52 -33.22
CA GLU B 337 16.80 -9.68 -34.25
C GLU B 337 15.45 -10.23 -34.70
N VAL B 338 14.78 -10.88 -33.76
CA VAL B 338 13.45 -11.46 -33.95
C VAL B 338 12.59 -10.40 -33.29
N ALA B 339 13.13 -9.19 -33.26
CA ALA B 339 12.47 -8.04 -32.65
C ALA B 339 11.81 -7.32 -33.80
N MET B 340 12.64 -6.86 -34.73
CA MET B 340 12.12 -6.16 -35.89
C MET B 340 10.93 -6.90 -36.44
N GLU B 341 11.00 -8.22 -36.38
CA GLU B 341 9.91 -9.04 -36.87
C GLU B 341 8.71 -9.00 -35.95
N LEU B 342 8.95 -8.89 -34.66
CA LEU B 342 7.87 -8.79 -33.68
C LEU B 342 7.33 -7.37 -33.84
N GLU B 343 8.24 -6.41 -33.70
CA GLU B 343 7.91 -5.00 -33.82
C GLU B 343 7.07 -4.86 -35.06
N ASN B 344 7.57 -5.41 -36.15
CA ASN B 344 6.88 -5.37 -37.41
C ASN B 344 5.45 -5.85 -37.28
N ILE B 345 5.29 -7.06 -36.79
CA ILE B 345 3.95 -7.62 -36.62
C ILE B 345 3.02 -6.57 -36.08
N ALA B 346 3.34 -6.08 -34.89
CA ALA B 346 2.55 -5.07 -34.21
C ALA B 346 2.14 -3.95 -35.16
N LEU B 347 3.12 -3.38 -35.86
CA LEU B 347 2.89 -2.27 -36.79
C LEU B 347 1.89 -2.54 -37.93
N ASN B 348 1.89 -3.76 -38.45
CA ASN B 348 1.02 -4.08 -39.56
C ASN B 348 -0.02 -5.18 -39.34
N ASP B 349 0.23 -6.08 -38.41
CA ASP B 349 -0.72 -7.15 -38.16
C ASP B 349 -2.05 -6.52 -37.72
N PRO B 350 -3.12 -6.75 -38.49
CA PRO B 350 -4.46 -6.21 -38.19
C PRO B 350 -4.87 -6.39 -36.73
N TYR B 351 -4.62 -7.58 -36.19
CA TYR B 351 -4.96 -7.88 -34.81
C TYR B 351 -4.33 -6.82 -33.90
N PHE B 352 -3.16 -6.32 -34.30
CA PHE B 352 -2.47 -5.29 -33.54
C PHE B 352 -2.97 -3.91 -33.87
N ILE B 353 -3.05 -3.59 -35.16
CA ILE B 353 -3.53 -2.29 -35.57
C ILE B 353 -4.88 -2.01 -34.94
N GLU B 354 -5.68 -3.06 -34.80
CA GLU B 354 -7.02 -2.97 -34.20
C GLU B 354 -7.03 -2.90 -32.67
N LYS B 355 -6.04 -3.55 -32.08
CA LYS B 355 -5.91 -3.48 -30.68
C LYS B 355 -4.90 -2.35 -30.32
N LYS B 356 -4.46 -1.42 -31.19
CA LYS B 356 -3.59 -0.46 -30.49
C LYS B 356 -2.51 -1.02 -29.61
N LEU B 357 -2.03 -2.16 -30.06
CA LEU B 357 -0.96 -2.87 -29.42
C LEU B 357 0.36 -2.41 -30.01
N TYR B 358 0.56 -1.10 -30.06
CA TYR B 358 1.81 -0.54 -30.57
C TYR B 358 2.94 -0.82 -29.57
N PRO B 359 4.19 -0.84 -30.04
CA PRO B 359 5.32 -1.11 -29.14
C PRO B 359 5.59 0.06 -28.18
N ASN B 360 5.85 -0.24 -26.91
CA ASN B 360 6.15 0.82 -25.97
C ASN B 360 7.57 0.72 -25.44
N VAL B 361 7.96 1.67 -24.59
CA VAL B 361 9.31 1.71 -24.03
C VAL B 361 9.72 0.40 -23.38
N ASP B 362 8.78 -0.25 -22.70
CA ASP B 362 9.12 -1.51 -22.04
C ASP B 362 9.54 -2.58 -23.04
N PHE B 363 9.12 -2.40 -24.29
CA PHE B 363 9.51 -3.32 -25.34
C PHE B 363 10.97 -3.00 -25.68
N TYR B 364 11.25 -1.74 -25.98
CA TYR B 364 12.61 -1.35 -26.32
C TYR B 364 13.56 -1.52 -25.16
N SER B 365 13.03 -1.36 -23.95
CA SER B 365 13.83 -1.52 -22.74
C SER B 365 14.07 -3.01 -22.58
N GLY B 366 13.03 -3.80 -22.85
CA GLY B 366 13.14 -5.24 -22.76
C GLY B 366 14.27 -5.69 -23.65
N ILE B 367 14.26 -5.20 -24.89
CA ILE B 367 15.31 -5.54 -25.84
C ILE B 367 16.69 -5.17 -25.28
N ILE B 368 16.86 -3.90 -24.94
CA ILE B 368 18.14 -3.46 -24.42
C ILE B 368 18.59 -4.32 -23.25
N LEU B 369 17.68 -4.58 -22.33
CA LEU B 369 17.97 -5.38 -21.15
C LEU B 369 18.27 -6.83 -21.51
N LYS B 370 17.39 -7.43 -22.32
CA LYS B 370 17.58 -8.80 -22.74
C LYS B 370 18.88 -8.90 -23.50
N ALA B 371 19.51 -7.75 -23.73
CA ALA B 371 20.76 -7.68 -24.47
C ALA B 371 21.96 -7.50 -23.53
N MET B 372 21.79 -6.72 -22.48
CA MET B 372 22.90 -6.48 -21.54
C MET B 372 23.22 -7.74 -20.75
N GLY B 373 22.40 -8.77 -20.91
CA GLY B 373 22.63 -9.99 -20.17
C GLY B 373 21.79 -10.02 -18.91
N ILE B 374 20.67 -9.32 -18.97
CA ILE B 374 19.74 -9.21 -17.87
C ILE B 374 18.49 -10.07 -18.13
N PRO B 375 18.14 -10.95 -17.17
CA PRO B 375 16.97 -11.83 -17.29
C PRO B 375 15.63 -11.10 -17.08
N SER B 376 14.59 -11.59 -17.74
CA SER B 376 13.28 -10.96 -17.65
C SER B 376 12.70 -10.83 -16.26
N SER B 377 13.12 -11.70 -15.36
CA SER B 377 12.63 -11.64 -13.99
C SER B 377 13.31 -10.51 -13.23
N MET B 378 14.06 -9.68 -13.95
CA MET B 378 14.76 -8.56 -13.35
C MET B 378 14.40 -7.27 -14.06
N PHE B 379 13.47 -7.36 -15.01
CA PHE B 379 13.06 -6.18 -15.75
C PHE B 379 12.23 -5.22 -14.90
N THR B 380 11.14 -5.72 -14.30
CA THR B 380 10.32 -4.84 -13.48
C THR B 380 11.13 -4.30 -12.32
N VAL B 381 11.93 -5.17 -11.69
CA VAL B 381 12.74 -4.76 -10.56
C VAL B 381 13.52 -3.51 -10.94
N ILE B 382 14.13 -3.54 -12.12
CA ILE B 382 14.90 -2.40 -12.61
C ILE B 382 13.96 -1.24 -12.92
N PHE B 383 12.72 -1.54 -13.32
CA PHE B 383 11.76 -0.47 -13.64
C PHE B 383 11.23 0.15 -12.35
N ALA B 384 11.19 -0.64 -11.29
CA ALA B 384 10.72 -0.14 -10.01
C ALA B 384 11.85 0.68 -9.35
N MET B 385 13.06 0.16 -9.42
CA MET B 385 14.22 0.84 -8.85
C MET B 385 14.24 2.27 -9.33
N ALA B 386 13.93 2.48 -10.60
CA ALA B 386 13.91 3.80 -11.21
C ALA B 386 12.69 4.65 -10.83
N ARG B 387 11.52 4.03 -10.85
CA ARG B 387 10.28 4.72 -10.52
C ARG B 387 10.29 5.24 -9.09
N THR B 388 11.28 4.80 -8.32
CA THR B 388 11.39 5.18 -6.92
C THR B 388 11.49 6.67 -6.68
N VAL B 389 12.38 7.37 -7.39
CA VAL B 389 12.49 8.82 -7.20
C VAL B 389 11.13 9.44 -7.54
N GLY B 390 10.42 8.83 -8.48
CA GLY B 390 9.11 9.31 -8.86
C GLY B 390 8.18 9.13 -7.69
N TRP B 391 8.18 7.93 -7.14
CA TRP B 391 7.35 7.63 -5.97
C TRP B 391 7.73 8.55 -4.83
N ILE B 392 9.03 8.69 -4.60
CA ILE B 392 9.53 9.54 -3.53
C ILE B 392 9.12 10.99 -3.66
N ALA B 393 9.14 11.52 -4.88
CA ALA B 393 8.76 12.90 -5.13
C ALA B 393 7.26 13.12 -4.92
N HIS B 394 6.46 12.13 -5.29
CA HIS B 394 5.02 12.19 -5.15
C HIS B 394 4.61 12.18 -3.69
N TRP B 395 5.18 11.24 -2.93
CA TRP B 395 4.91 11.11 -1.51
C TRP B 395 5.31 12.41 -0.78
N SER B 396 6.49 12.93 -1.10
CA SER B 396 6.93 14.18 -0.48
C SER B 396 6.00 15.30 -0.87
N GLU B 397 5.29 15.14 -1.99
CA GLU B 397 4.35 16.17 -2.46
C GLU B 397 3.09 16.10 -1.62
N MET B 398 2.46 14.93 -1.64
CA MET B 398 1.24 14.71 -0.88
C MET B 398 1.41 15.11 0.59
N HIS B 399 2.63 15.02 1.10
CA HIS B 399 2.92 15.38 2.48
C HIS B 399 3.15 16.88 2.60
N SER B 400 3.14 17.58 1.47
CA SER B 400 3.31 19.02 1.51
C SER B 400 1.90 19.59 1.42
N ASP B 401 1.01 18.84 0.78
CA ASP B 401 -0.38 19.24 0.64
C ASP B 401 -1.09 19.05 1.96
N GLY B 402 -0.35 18.58 2.96
CA GLY B 402 -0.93 18.36 4.27
C GLY B 402 -1.36 16.92 4.45
N MET B 403 -0.53 16.01 3.97
CA MET B 403 -0.80 14.58 4.07
C MET B 403 -2.27 14.26 3.76
N LYS B 404 -2.67 14.50 2.50
CA LYS B 404 -4.03 14.22 2.04
C LYS B 404 -4.48 12.79 2.45
N ILE B 405 -5.18 12.70 3.58
CA ILE B 405 -5.65 11.42 4.11
C ILE B 405 -6.76 10.81 3.25
N ALA B 406 -6.45 9.73 2.54
CA ALA B 406 -7.40 9.08 1.67
C ALA B 406 -8.40 8.19 2.39
N ARG B 407 -9.48 8.78 2.89
CA ARG B 407 -10.53 8.02 3.59
C ARG B 407 -11.87 8.22 2.85
N PRO B 408 -12.02 7.60 1.66
CA PRO B 408 -13.25 7.71 0.85
C PRO B 408 -14.48 7.23 1.63
N ARG B 409 -15.63 7.30 0.98
CA ARG B 409 -16.87 6.85 1.59
C ARG B 409 -17.23 5.56 0.88
N GLN B 410 -18.33 4.95 1.28
CA GLN B 410 -18.79 3.75 0.62
C GLN B 410 -20.28 3.89 0.42
N LEU B 411 -20.83 3.03 -0.43
CA LEU B 411 -22.26 3.02 -0.66
C LEU B 411 -22.65 1.70 -0.04
N TYR B 412 -23.42 1.76 1.03
CA TYR B 412 -23.78 0.52 1.71
C TYR B 412 -24.99 -0.16 1.10
N THR B 413 -24.79 -1.38 0.60
CA THR B 413 -25.92 -2.11 0.01
C THR B 413 -26.11 -3.47 0.67
N GLY B 414 -25.78 -3.54 1.97
CA GLY B 414 -25.92 -4.78 2.71
C GLY B 414 -27.06 -4.74 3.72
N TYR B 415 -27.22 -5.82 4.48
CA TYR B 415 -28.29 -5.93 5.46
C TYR B 415 -28.44 -4.74 6.40
N GLU B 416 -29.69 -4.40 6.75
CA GLU B 416 -29.94 -3.33 7.72
C GLU B 416 -29.83 -4.10 9.03
N LYS B 417 -29.78 -3.40 10.16
CA LYS B 417 -29.62 -4.09 11.44
C LYS B 417 -30.55 -5.29 11.60
N ARG B 418 -30.00 -6.38 12.11
CA ARG B 418 -30.75 -7.61 12.35
C ARG B 418 -30.15 -8.35 13.53
N ASP B 419 -30.98 -8.67 14.52
CA ASP B 419 -30.53 -9.35 15.74
C ASP B 419 -29.66 -10.55 15.40
N PHE B 420 -28.77 -10.91 16.30
CA PHE B 420 -27.87 -12.04 16.11
C PHE B 420 -28.16 -13.23 17.03
N LYS B 421 -28.47 -14.37 16.42
CA LYS B 421 -28.78 -15.61 17.15
C LYS B 421 -27.95 -16.78 16.62
N SER B 422 -27.10 -17.35 17.48
CA SER B 422 -26.25 -18.48 17.12
C SER B 422 -26.55 -19.71 17.99
N ASP B 423 -26.86 -20.83 17.36
CA ASP B 423 -27.16 -22.06 18.08
C ASP B 423 -26.01 -23.08 18.10
N ILE B 424 -24.98 -22.83 17.30
CA ILE B 424 -23.84 -23.73 17.19
C ILE B 424 -22.89 -23.77 18.39
N LYS B 425 -21.82 -24.53 18.23
CA LYS B 425 -20.79 -24.67 19.24
C LYS B 425 -19.43 -24.56 18.56
N ARG B 426 -18.35 -24.68 19.35
CA ARG B 426 -16.97 -24.58 18.85
C ARG B 426 -16.56 -23.10 18.69
#